data_5H7C
#
_entry.id   5H7C
#
_cell.length_a   48.658
_cell.length_b   75.528
_cell.length_c   80.013
_cell.angle_alpha   84.19
_cell.angle_beta   83.72
_cell.angle_gamma   75.21
#
_symmetry.space_group_name_H-M   'P 1'
#
_entity_poly.entity_id   1
_entity_poly.type   'polypeptide(L)'
_entity_poly.pdbx_seq_one_letter_code
;GSHMKFNKEQQNAFYEILHLPNLNEEQRNAFIQSLKDDPSQSANLLAEAKSLNVNQAVKQLAEKAKEATDKEEVIEIVKE
LAELAKQSTDSELVNEIVKQLAEVAKEATDKELVIYIVKILAELAKQSTDSELVNEIVKQLAEVAKEATDKELVIYIVKI
LAELAKQSTDSELVNEIVKQLEEVAKEATDKELVEHIEKILEELEQQSAFYEILSLPNLNEEQRNAFIQSLKDDPSQSAN
LLAEAKSLNVNQAVKQLAEKAKEATDKEEVIEIVKELAELAKQSTDSELVNEIVKQLAEVAKEATDKELVIYIVKILAEL
AKQSTDSELVNEIVKQLAEVAKEATDKELVIYIVKILAELAKQSTDSELVNEIVKQLEEVAKEATDKELVEHIEKILEEL
KKQS
;
_entity_poly.pdbx_strand_id   A,C
#
# COMPACT_ATOMS: atom_id res chain seq x y z
N LYS A 5 50.07 8.79 -48.12
CA LYS A 5 49.42 9.85 -48.89
C LYS A 5 47.91 9.70 -48.89
N PHE A 6 47.20 10.80 -48.63
CA PHE A 6 45.75 10.79 -48.48
C PHE A 6 45.07 10.80 -49.86
N ASN A 7 43.74 10.96 -49.84
CA ASN A 7 42.93 11.17 -51.04
C ASN A 7 41.84 12.17 -50.65
N LYS A 8 41.23 12.80 -51.67
CA LYS A 8 40.30 13.91 -51.49
C LYS A 8 39.38 13.78 -50.27
N GLU A 9 38.63 12.69 -50.18
CA GLU A 9 37.68 12.56 -49.07
C GLU A 9 38.40 12.32 -47.75
N GLN A 10 39.56 11.68 -47.80
CA GLN A 10 40.36 11.50 -46.59
C GLN A 10 41.01 12.81 -46.15
N GLN A 11 41.46 13.62 -47.12
CA GLN A 11 42.03 14.92 -46.80
C GLN A 11 40.95 15.89 -46.33
N ASN A 12 39.78 15.85 -46.98
CA ASN A 12 38.66 16.65 -46.50
C ASN A 12 38.26 16.24 -45.09
N ALA A 13 38.21 14.93 -44.83
CA ALA A 13 38.00 14.45 -43.47
C ALA A 13 39.04 15.04 -42.51
N PHE A 14 40.30 15.11 -42.97
CA PHE A 14 41.37 15.68 -42.16
C PHE A 14 41.09 17.14 -41.80
N TYR A 15 40.77 17.97 -42.81
CA TYR A 15 40.51 19.38 -42.57
C TYR A 15 39.29 19.60 -41.68
N GLU A 16 38.20 18.89 -41.96
CA GLU A 16 37.02 18.97 -41.09
C GLU A 16 37.36 18.61 -39.66
N ILE A 17 38.05 17.49 -39.46
CA ILE A 17 38.49 17.12 -38.11
C ILE A 17 39.32 18.22 -37.50
N LEU A 18 40.11 18.90 -38.32
CA LEU A 18 40.95 19.98 -37.83
C LEU A 18 40.11 21.18 -37.38
N HIS A 19 38.89 21.32 -37.89
CA HIS A 19 38.06 22.48 -37.57
C HIS A 19 36.93 22.20 -36.57
N LEU A 20 36.85 21.03 -35.97
CA LEU A 20 35.75 20.80 -35.03
C LEU A 20 36.03 21.58 -33.74
N PRO A 21 35.09 22.42 -33.30
CA PRO A 21 35.42 23.41 -32.26
C PRO A 21 35.32 22.88 -30.84
N ASN A 22 34.50 21.85 -30.59
CA ASN A 22 34.25 21.35 -29.25
C ASN A 22 34.99 20.04 -28.99
N LEU A 23 36.13 19.84 -29.64
CA LEU A 23 37.08 18.81 -29.27
C LEU A 23 38.31 19.45 -28.67
N ASN A 24 38.89 18.81 -27.65
CA ASN A 24 40.18 19.31 -27.19
C ASN A 24 41.26 18.79 -28.13
N GLU A 25 42.48 19.30 -27.94
CA GLU A 25 43.56 19.01 -28.89
C GLU A 25 43.88 17.52 -28.94
N GLU A 26 43.85 16.84 -27.79
CA GLU A 26 44.24 15.45 -27.73
C GLU A 26 43.24 14.54 -28.43
N GLN A 27 41.95 14.90 -28.40
CA GLN A 27 40.96 14.15 -29.15
C GLN A 27 41.12 14.37 -30.65
N ARG A 28 41.36 15.61 -31.05
CA ARG A 28 41.61 15.91 -32.46
C ARG A 28 42.84 15.15 -32.96
N ASN A 29 43.93 15.17 -32.18
CA ASN A 29 45.15 14.49 -32.59
C ASN A 29 44.98 12.98 -32.60
N ALA A 30 44.14 12.45 -31.70
CA ALA A 30 43.81 11.04 -31.77
C ALA A 30 43.11 10.70 -33.09
N PHE A 31 42.10 11.50 -33.46
CA PHE A 31 41.38 11.21 -34.69
C PHE A 31 42.27 11.38 -35.92
N ILE A 32 43.20 12.35 -35.88
CA ILE A 32 44.12 12.52 -37.00
C ILE A 32 45.09 11.35 -37.08
N GLN A 33 45.63 10.92 -35.93
CA GLN A 33 46.50 9.75 -35.91
C GLN A 33 45.79 8.52 -36.46
N SER A 34 44.52 8.34 -36.10
CA SER A 34 43.78 7.17 -36.56
C SER A 34 43.47 7.28 -38.05
N LEU A 35 43.25 8.49 -38.56
CA LEU A 35 43.05 8.67 -40.00
C LEU A 35 44.32 8.36 -40.78
N LYS A 36 45.48 8.80 -40.26
CA LYS A 36 46.74 8.48 -40.90
C LYS A 36 47.07 7.00 -40.79
N ASP A 37 46.55 6.33 -39.75
CA ASP A 37 46.76 4.89 -39.63
C ASP A 37 45.97 4.11 -40.67
N ASP A 38 44.79 4.60 -41.06
CA ASP A 38 43.94 3.89 -42.00
C ASP A 38 42.96 4.85 -42.67
N PRO A 39 43.33 5.42 -43.82
CA PRO A 39 42.45 6.40 -44.47
C PRO A 39 41.17 5.81 -45.02
N SER A 40 41.12 4.49 -45.25
CA SER A 40 39.90 3.86 -45.73
C SER A 40 38.75 4.00 -44.75
N GLN A 41 39.04 4.25 -43.48
CA GLN A 41 38.03 4.45 -42.46
C GLN A 41 37.65 5.92 -42.32
N SER A 42 38.05 6.75 -43.28
CA SER A 42 37.89 8.19 -43.19
C SER A 42 36.48 8.59 -42.79
N ALA A 43 35.48 8.07 -43.50
CA ALA A 43 34.09 8.36 -43.14
C ALA A 43 33.83 8.08 -41.66
N ASN A 44 34.11 6.83 -41.23
CA ASN A 44 33.85 6.41 -39.85
C ASN A 44 34.42 7.40 -38.84
N LEU A 45 35.75 7.56 -38.83
CA LEU A 45 36.37 8.50 -37.90
C LEU A 45 35.68 9.86 -37.95
N LEU A 46 35.46 10.37 -39.17
CA LEU A 46 34.83 11.67 -39.29
C LEU A 46 33.51 11.68 -38.54
N ALA A 47 32.61 10.75 -38.86
CA ALA A 47 31.32 10.71 -38.16
C ALA A 47 31.53 10.59 -36.67
N GLU A 48 32.45 9.70 -36.27
CA GLU A 48 32.74 9.53 -34.85
C GLU A 48 33.13 10.87 -34.25
N ALA A 49 34.12 11.52 -34.86
CA ALA A 49 34.57 12.80 -34.35
C ALA A 49 33.42 13.77 -34.23
N LYS A 50 32.61 13.88 -35.30
CA LYS A 50 31.55 14.87 -35.27
C LYS A 50 30.58 14.59 -34.14
N SER A 51 30.25 13.32 -33.92
CA SER A 51 29.34 13.00 -32.82
C SER A 51 29.96 13.42 -31.51
N LEU A 52 31.23 13.07 -31.29
CA LEU A 52 31.89 13.50 -30.07
C LEU A 52 31.85 15.02 -29.96
N ASN A 53 32.12 15.72 -31.07
CA ASN A 53 32.16 17.18 -31.00
C ASN A 53 30.81 17.75 -30.61
N VAL A 54 29.71 17.12 -31.04
CA VAL A 54 28.45 17.74 -30.65
C VAL A 54 28.11 17.35 -29.22
N ASN A 55 28.51 16.16 -28.78
CA ASN A 55 28.12 15.75 -27.44
C ASN A 55 28.78 16.64 -26.40
N GLN A 56 30.10 16.85 -26.54
CA GLN A 56 30.77 17.78 -25.66
C GLN A 56 30.22 19.18 -25.82
N ALA A 57 29.79 19.53 -27.04
CA ALA A 57 29.18 20.84 -27.24
C ALA A 57 27.99 21.01 -26.30
N VAL A 58 27.07 20.03 -26.30
CA VAL A 58 25.90 20.22 -25.45
C VAL A 58 26.32 20.24 -23.99
N LYS A 59 27.35 19.47 -23.65
CA LYS A 59 27.84 19.47 -22.27
C LYS A 59 28.32 20.87 -21.92
N GLN A 60 29.17 21.44 -22.76
CA GLN A 60 29.59 22.82 -22.55
C GLN A 60 28.37 23.72 -22.37
N LEU A 61 27.42 23.64 -23.31
CA LEU A 61 26.22 24.46 -23.22
C LEU A 61 25.52 24.25 -21.89
N ALA A 62 25.41 22.98 -21.48
CA ALA A 62 24.76 22.66 -20.22
C ALA A 62 25.35 23.46 -19.07
N GLU A 63 26.68 23.42 -18.92
CA GLU A 63 27.25 24.07 -17.76
C GLU A 63 27.08 25.58 -17.88
N LYS A 64 27.09 26.11 -19.11
CA LYS A 64 26.85 27.54 -19.27
C LYS A 64 25.42 27.92 -18.94
N ALA A 65 24.46 27.02 -19.17
CA ALA A 65 23.11 27.31 -18.68
C ALA A 65 23.03 27.29 -17.16
N LYS A 66 23.94 26.55 -16.50
CA LYS A 66 23.86 26.30 -15.08
C LYS A 66 24.67 27.31 -14.28
N GLU A 67 25.65 27.95 -14.92
CA GLU A 67 26.42 29.01 -14.28
C GLU A 67 25.84 30.38 -14.56
N ALA A 68 25.01 30.51 -15.59
CA ALA A 68 24.49 31.81 -16.00
C ALA A 68 23.52 32.35 -14.97
N THR A 69 23.76 33.59 -14.54
CA THR A 69 22.87 34.28 -13.62
C THR A 69 21.81 35.10 -14.34
N ASP A 70 22.13 35.58 -15.53
CA ASP A 70 21.16 36.32 -16.35
C ASP A 70 20.07 35.36 -16.80
N LYS A 71 18.82 35.68 -16.46
CA LYS A 71 17.71 34.81 -16.85
C LYS A 71 17.52 34.76 -18.36
N GLU A 72 18.04 35.74 -19.10
CA GLU A 72 17.99 35.71 -20.56
C GLU A 72 19.08 34.83 -21.16
N GLU A 73 20.26 34.81 -20.53
CA GLU A 73 21.33 33.94 -21.00
C GLU A 73 20.91 32.48 -20.96
N VAL A 74 20.25 32.07 -19.87
CA VAL A 74 19.78 30.69 -19.79
C VAL A 74 18.70 30.43 -20.82
N ILE A 75 17.87 31.43 -21.11
CA ILE A 75 16.86 31.26 -22.16
C ILE A 75 17.53 31.04 -23.51
N GLU A 76 18.62 31.76 -23.78
CA GLU A 76 19.31 31.58 -25.06
C GLU A 76 20.06 30.25 -25.12
N ILE A 77 20.60 29.78 -24.00
CA ILE A 77 21.31 28.51 -23.98
C ILE A 77 20.32 27.35 -24.12
N VAL A 78 19.26 27.36 -23.31
CA VAL A 78 18.22 26.34 -23.39
C VAL A 78 17.56 26.37 -24.76
N LYS A 79 17.33 27.56 -25.31
CA LYS A 79 16.77 27.65 -26.66
C LYS A 79 17.73 27.07 -27.69
N GLU A 80 19.04 27.25 -27.47
CA GLU A 80 20.03 26.69 -28.41
C GLU A 80 20.04 25.16 -28.34
N LEU A 81 20.06 24.61 -27.13
CA LEU A 81 19.96 23.16 -26.96
C LEU A 81 18.67 22.62 -27.56
N ALA A 82 17.56 23.34 -27.32
CA ALA A 82 16.26 22.94 -27.83
C ALA A 82 16.25 22.89 -29.35
N GLU A 83 16.79 23.94 -29.99
CA GLU A 83 16.89 23.93 -31.44
C GLU A 83 17.87 22.87 -31.93
N LEU A 84 18.83 22.49 -31.09
CA LEU A 84 19.79 21.47 -31.48
C LEU A 84 19.18 20.06 -31.43
N ALA A 85 18.24 19.83 -30.51
CA ALA A 85 17.53 18.55 -30.52
C ALA A 85 16.41 18.54 -31.54
N LYS A 86 15.60 19.61 -31.56
CA LYS A 86 14.49 19.71 -32.50
C LYS A 86 14.97 19.73 -33.95
N GLN A 87 15.77 20.74 -34.29
CA GLN A 87 16.17 20.97 -35.68
C GLN A 87 17.20 19.99 -36.19
N SER A 88 17.70 19.10 -35.34
CA SER A 88 18.57 18.02 -35.79
C SER A 88 17.82 16.69 -35.73
N THR A 89 18.45 15.67 -36.31
CA THR A 89 17.85 14.34 -36.44
C THR A 89 18.91 13.33 -36.02
N ASP A 90 19.05 13.17 -34.70
CA ASP A 90 19.94 12.17 -34.12
C ASP A 90 19.21 11.58 -32.93
N SER A 91 19.25 10.25 -32.82
CA SER A 91 18.39 9.54 -31.87
C SER A 91 18.91 9.60 -30.44
N GLU A 92 20.17 9.22 -30.23
CA GLU A 92 20.75 9.08 -28.89
C GLU A 92 21.20 10.40 -28.29
N LEU A 93 21.54 11.39 -29.12
CA LEU A 93 21.96 12.70 -28.61
C LEU A 93 20.80 13.45 -27.97
N VAL A 94 19.64 13.47 -28.64
CA VAL A 94 18.49 14.20 -28.10
C VAL A 94 18.14 13.73 -26.69
N ASN A 95 18.38 12.46 -26.38
CA ASN A 95 18.16 12.00 -25.01
C ASN A 95 19.08 12.70 -24.04
N GLU A 96 20.37 12.78 -24.37
CA GLU A 96 21.30 13.54 -23.54
C GLU A 96 20.82 14.98 -23.37
N ILE A 97 20.24 15.56 -24.43
CA ILE A 97 19.79 16.94 -24.31
C ILE A 97 18.55 17.06 -23.41
N VAL A 98 17.65 16.07 -23.42
CA VAL A 98 16.52 16.16 -22.50
C VAL A 98 17.00 15.97 -21.06
N LYS A 99 18.07 15.19 -20.88
CA LYS A 99 18.58 14.99 -19.53
C LYS A 99 19.26 16.25 -19.00
N GLN A 100 19.99 16.95 -19.88
CA GLN A 100 20.63 18.20 -19.46
C GLN A 100 19.61 19.31 -19.25
N LEU A 101 18.63 19.44 -20.14
CA LEU A 101 17.54 20.38 -19.90
C LEU A 101 16.85 20.09 -18.58
N ALA A 102 16.59 18.81 -18.30
CA ALA A 102 15.98 18.43 -17.04
C ALA A 102 16.83 18.85 -15.85
N GLU A 103 18.16 18.69 -15.93
CA GLU A 103 19.00 19.13 -14.82
C GLU A 103 18.93 20.65 -14.63
N VAL A 104 18.99 21.40 -15.74
CA VAL A 104 18.86 22.85 -15.67
C VAL A 104 17.56 23.24 -15.00
N ALA A 105 16.48 22.51 -15.28
CA ALA A 105 15.20 22.76 -14.62
C ALA A 105 15.27 22.43 -13.13
N LYS A 106 15.80 21.24 -12.79
CA LYS A 106 15.86 20.80 -11.40
C LYS A 106 16.63 21.79 -10.53
N GLU A 107 17.67 22.41 -11.08
CA GLU A 107 18.45 23.36 -10.29
C GLU A 107 17.98 24.79 -10.45
N ALA A 108 16.96 25.04 -11.27
CA ALA A 108 16.55 26.41 -11.54
C ALA A 108 15.92 27.06 -10.32
N THR A 109 16.26 28.33 -10.10
CA THR A 109 15.72 29.10 -9.00
C THR A 109 14.51 29.93 -9.40
N ASP A 110 14.30 30.12 -10.70
CA ASP A 110 13.21 30.93 -11.23
C ASP A 110 12.16 30.01 -11.85
N LYS A 111 10.91 30.17 -11.41
CA LYS A 111 9.84 29.26 -11.85
C LYS A 111 9.51 29.45 -13.33
N GLU A 112 9.63 30.68 -13.84
CA GLU A 112 9.46 30.94 -15.26
C GLU A 112 10.41 30.11 -16.11
N LEU A 113 11.66 29.99 -15.66
CA LEU A 113 12.65 29.23 -16.40
C LEU A 113 12.30 27.75 -16.45
N VAL A 114 11.86 27.20 -15.30
CA VAL A 114 11.41 25.82 -15.26
C VAL A 114 10.27 25.61 -16.23
N ILE A 115 9.29 26.52 -16.22
CA ILE A 115 8.14 26.38 -17.11
C ILE A 115 8.57 26.41 -18.57
N TYR A 116 9.53 27.29 -18.91
CA TYR A 116 10.01 27.33 -20.28
C TYR A 116 10.63 26.00 -20.69
N ILE A 117 11.52 25.46 -19.84
CA ILE A 117 12.17 24.20 -20.17
C ILE A 117 11.15 23.07 -20.29
N VAL A 118 10.20 23.01 -19.36
CA VAL A 118 9.17 21.97 -19.40
C VAL A 118 8.34 22.08 -20.67
N LYS A 119 8.00 23.31 -21.07
CA LYS A 119 7.29 23.53 -22.33
C LYS A 119 8.09 23.01 -23.51
N ILE A 120 9.40 23.26 -23.51
CA ILE A 120 10.26 22.79 -24.60
C ILE A 120 10.25 21.27 -24.68
N LEU A 121 10.38 20.59 -23.52
CA LEU A 121 10.36 19.13 -23.53
C LEU A 121 9.00 18.60 -24.00
N ALA A 122 7.91 19.23 -23.55
CA ALA A 122 6.59 18.85 -24.01
C ALA A 122 6.50 18.97 -25.53
N GLU A 123 7.09 20.02 -26.11
CA GLU A 123 7.04 20.17 -27.56
C GLU A 123 7.93 19.17 -28.28
N LEU A 124 9.03 18.75 -27.64
CA LEU A 124 9.83 17.67 -28.22
C LEU A 124 9.06 16.36 -28.24
N ALA A 125 8.32 16.06 -27.18
CA ALA A 125 7.54 14.83 -27.16
C ALA A 125 6.38 14.90 -28.14
N LYS A 126 5.70 16.04 -28.21
CA LYS A 126 4.52 16.16 -29.06
C LYS A 126 4.88 15.99 -30.53
N GLN A 127 6.03 16.53 -30.94
CA GLN A 127 6.49 16.44 -32.32
C GLN A 127 7.52 15.33 -32.50
N SER A 128 7.22 14.14 -32.00
CA SER A 128 8.18 13.03 -32.06
C SER A 128 7.50 11.75 -32.48
N THR A 129 8.18 10.99 -33.35
CA THR A 129 7.73 9.67 -33.77
C THR A 129 8.49 8.56 -33.04
N ASP A 130 9.45 8.91 -32.20
CA ASP A 130 10.31 7.95 -31.53
C ASP A 130 9.71 7.66 -30.16
N SER A 131 9.22 6.43 -29.97
CA SER A 131 8.49 6.10 -28.74
C SER A 131 9.40 6.21 -27.52
N GLU A 132 10.65 5.78 -27.64
CA GLU A 132 11.53 5.74 -26.48
C GLU A 132 12.05 7.11 -26.09
N LEU A 133 12.06 8.06 -27.01
CA LEU A 133 12.41 9.43 -26.64
C LEU A 133 11.24 10.12 -25.95
N VAL A 134 10.01 9.76 -26.32
CA VAL A 134 8.84 10.22 -25.58
C VAL A 134 8.83 9.60 -24.18
N ASN A 135 9.17 8.30 -24.07
CA ASN A 135 9.30 7.67 -22.76
C ASN A 135 10.37 8.36 -21.93
N GLU A 136 11.49 8.73 -22.54
CA GLU A 136 12.54 9.37 -21.77
C GLU A 136 12.10 10.76 -21.30
N ILE A 137 11.43 11.52 -22.17
CA ILE A 137 10.90 12.83 -21.77
C ILE A 137 9.90 12.67 -20.63
N VAL A 138 9.04 11.66 -20.70
CA VAL A 138 8.11 11.39 -19.60
C VAL A 138 8.87 11.12 -18.30
N LYS A 139 9.89 10.26 -18.36
CA LYS A 139 10.71 9.99 -17.18
C LYS A 139 11.29 11.27 -16.60
N GLN A 140 11.86 12.12 -17.45
CA GLN A 140 12.57 13.29 -16.96
C GLN A 140 11.60 14.33 -16.40
N LEU A 141 10.51 14.61 -17.12
CA LEU A 141 9.49 15.50 -16.61
C LEU A 141 8.96 15.00 -15.26
N ALA A 142 8.71 13.69 -15.17
CA ALA A 142 8.23 13.12 -13.91
C ALA A 142 9.21 13.35 -12.78
N GLU A 143 10.51 13.18 -13.04
CA GLU A 143 11.49 13.43 -11.99
C GLU A 143 11.55 14.90 -11.61
N VAL A 144 11.43 15.80 -12.59
CA VAL A 144 11.37 17.22 -12.30
C VAL A 144 10.21 17.52 -11.35
N ALA A 145 9.06 16.91 -11.61
CA ALA A 145 7.90 17.11 -10.74
C ALA A 145 8.16 16.59 -9.34
N LYS A 146 8.57 15.32 -9.23
CA LYS A 146 8.79 14.70 -7.91
C LYS A 146 9.75 15.51 -7.05
N GLU A 147 10.76 16.14 -7.67
CA GLU A 147 11.74 16.89 -6.91
C GLU A 147 11.38 18.36 -6.75
N ALA A 148 10.35 18.82 -7.43
CA ALA A 148 9.95 20.23 -7.35
C ALA A 148 9.34 20.54 -5.98
N THR A 149 9.61 21.76 -5.51
CA THR A 149 9.11 22.22 -4.23
C THR A 149 7.93 23.18 -4.36
N ASP A 150 7.73 23.77 -5.53
CA ASP A 150 6.61 24.66 -5.75
C ASP A 150 5.44 23.87 -6.32
N LYS A 151 4.26 24.07 -5.72
CA LYS A 151 3.07 23.31 -6.12
C LYS A 151 2.70 23.57 -7.58
N GLU A 152 2.84 24.82 -8.04
CA GLU A 152 2.43 25.17 -9.40
C GLU A 152 3.27 24.46 -10.44
N LEU A 153 4.57 24.27 -10.19
CA LEU A 153 5.39 23.48 -11.10
C LEU A 153 4.85 22.06 -11.22
N VAL A 154 4.50 21.44 -10.10
CA VAL A 154 4.02 20.07 -10.13
C VAL A 154 2.72 19.98 -10.91
N ILE A 155 1.77 20.88 -10.62
CA ILE A 155 0.50 20.86 -11.34
C ILE A 155 0.72 21.03 -12.84
N TYR A 156 1.60 21.97 -13.21
CA TYR A 156 1.84 22.21 -14.63
C TYR A 156 2.43 20.98 -15.31
N ILE A 157 3.42 20.35 -14.67
CA ILE A 157 4.05 19.19 -15.31
C ILE A 157 3.08 18.02 -15.40
N VAL A 158 2.27 17.77 -14.36
CA VAL A 158 1.37 16.62 -14.47
C VAL A 158 0.26 16.91 -15.48
N LYS A 159 -0.14 18.18 -15.65
CA LYS A 159 -1.08 18.46 -16.73
C LYS A 159 -0.42 18.27 -18.10
N ILE A 160 0.87 18.57 -18.20
CA ILE A 160 1.59 18.32 -19.46
C ILE A 160 1.61 16.83 -19.77
N LEU A 161 1.99 16.00 -18.79
CA LEU A 161 1.99 14.55 -18.99
C LEU A 161 0.60 14.05 -19.35
N ALA A 162 -0.43 14.56 -18.66
CA ALA A 162 -1.80 14.19 -18.98
C ALA A 162 -2.15 14.50 -20.43
N GLU A 163 -1.72 15.65 -20.94
CA GLU A 163 -2.03 16.00 -22.32
C GLU A 163 -1.22 15.16 -23.30
N LEU A 164 0.01 14.81 -22.95
CA LEU A 164 0.77 13.83 -23.73
C LEU A 164 0.01 12.51 -23.84
N ALA A 165 -0.57 12.05 -22.74
CA ALA A 165 -1.29 10.78 -22.76
C ALA A 165 -2.60 10.87 -23.53
N LYS A 166 -3.33 11.97 -23.38
CA LYS A 166 -4.62 12.11 -24.04
C LYS A 166 -4.51 12.35 -25.53
N GLN A 167 -3.32 12.59 -26.06
CA GLN A 167 -3.10 12.71 -27.49
C GLN A 167 -2.34 11.51 -28.04
N SER A 168 -2.52 10.34 -27.45
CA SER A 168 -1.73 9.17 -27.77
C SER A 168 -2.65 7.99 -28.09
N THR A 169 -2.23 7.19 -29.08
CA THR A 169 -2.89 5.93 -29.40
C THR A 169 -2.18 4.74 -28.76
N ASP A 170 -0.95 4.92 -28.32
CA ASP A 170 -0.16 3.83 -27.76
C ASP A 170 -0.50 3.63 -26.29
N SER A 171 -0.81 2.38 -25.94
CA SER A 171 -1.21 2.06 -24.57
C SER A 171 -0.04 2.01 -23.61
N GLU A 172 1.15 1.59 -24.08
CA GLU A 172 2.30 1.52 -23.18
C GLU A 172 2.72 2.90 -22.70
N LEU A 173 2.54 3.92 -23.52
CA LEU A 173 2.86 5.28 -23.08
C LEU A 173 1.82 5.80 -22.11
N VAL A 174 0.55 5.46 -22.33
CA VAL A 174 -0.49 5.89 -21.39
C VAL A 174 -0.27 5.23 -20.04
N ASN A 175 0.06 3.92 -20.03
CA ASN A 175 0.29 3.26 -18.75
C ASN A 175 1.56 3.73 -18.08
N GLU A 176 2.59 4.10 -18.85
CA GLU A 176 3.81 4.60 -18.22
C GLU A 176 3.59 5.97 -17.62
N ILE A 177 2.87 6.84 -18.33
CA ILE A 177 2.49 8.13 -17.76
C ILE A 177 1.65 7.93 -16.50
N VAL A 178 0.72 6.96 -16.54
CA VAL A 178 -0.13 6.69 -15.38
C VAL A 178 0.72 6.26 -14.19
N LYS A 179 1.78 5.49 -14.44
CA LYS A 179 2.61 5.06 -13.32
C LYS A 179 3.45 6.20 -12.78
N GLN A 180 3.91 7.11 -13.66
CA GLN A 180 4.67 8.26 -13.17
C GLN A 180 3.80 9.22 -12.38
N LEU A 181 2.56 9.45 -12.82
CA LEU A 181 1.68 10.31 -12.03
C LEU A 181 1.28 9.63 -10.74
N GLU A 182 1.18 8.30 -10.74
CA GLU A 182 0.92 7.57 -9.50
C GLU A 182 2.07 7.76 -8.50
N GLU A 183 3.32 7.67 -8.98
CA GLU A 183 4.44 7.87 -8.07
C GLU A 183 4.49 9.32 -7.57
N VAL A 184 4.25 10.28 -8.46
CA VAL A 184 4.22 11.69 -8.04
C VAL A 184 3.18 11.90 -6.95
N ALA A 185 1.98 11.33 -7.13
CA ALA A 185 0.94 11.51 -6.13
C ALA A 185 1.30 10.79 -4.83
N LYS A 186 1.95 9.63 -4.93
CA LYS A 186 2.28 8.87 -3.72
C LYS A 186 3.33 9.58 -2.88
N GLU A 187 4.27 10.27 -3.51
CA GLU A 187 5.32 10.97 -2.78
C GLU A 187 4.99 12.45 -2.56
N ALA A 188 3.71 12.81 -2.58
CA ALA A 188 3.27 14.19 -2.46
C ALA A 188 2.67 14.42 -1.08
N THR A 189 3.18 15.43 -0.37
CA THR A 189 2.65 15.81 0.93
C THR A 189 1.41 16.70 0.86
N ASP A 190 1.15 17.37 -0.26
CA ASP A 190 0.04 18.32 -0.36
C ASP A 190 -1.22 17.62 -0.86
N LYS A 191 -2.33 17.81 -0.14
CA LYS A 191 -3.53 17.00 -0.40
C LYS A 191 -4.28 17.44 -1.66
N GLU A 192 -4.42 18.74 -1.91
CA GLU A 192 -5.16 19.15 -3.11
C GLU A 192 -4.37 18.84 -4.38
N LEU A 193 -3.04 18.86 -4.29
CA LEU A 193 -2.22 18.35 -5.38
C LEU A 193 -2.51 16.87 -5.63
N VAL A 194 -2.67 16.10 -4.56
CA VAL A 194 -2.92 14.67 -4.69
C VAL A 194 -4.30 14.43 -5.30
N GLU A 195 -5.31 15.16 -4.82
CA GLU A 195 -6.67 15.01 -5.34
C GLU A 195 -6.73 15.37 -6.82
N HIS A 196 -6.03 16.45 -7.22
CA HIS A 196 -6.02 16.82 -8.62
C HIS A 196 -5.34 15.77 -9.48
N ILE A 197 -4.16 15.29 -9.04
CA ILE A 197 -3.48 14.23 -9.78
C ILE A 197 -4.37 12.99 -9.86
N GLU A 198 -5.19 12.72 -8.82
CA GLU A 198 -6.03 11.54 -8.85
C GLU A 198 -7.21 11.69 -9.81
N LYS A 199 -7.74 12.92 -9.95
CA LYS A 199 -8.75 13.15 -10.99
C LYS A 199 -8.16 12.92 -12.37
N ILE A 200 -6.96 13.47 -12.60
CA ILE A 200 -6.25 13.21 -13.86
C ILE A 200 -6.07 11.71 -14.09
N LEU A 201 -5.67 11.00 -13.03
CA LEU A 201 -5.45 9.56 -13.15
C LEU A 201 -6.73 8.81 -13.44
N GLU A 202 -7.86 9.32 -12.95
CA GLU A 202 -9.13 8.69 -13.26
C GLU A 202 -9.48 8.83 -14.73
N GLU A 203 -9.30 10.02 -15.29
CA GLU A 203 -9.55 10.17 -16.74
C GLU A 203 -8.60 9.29 -17.55
N LEU A 204 -7.30 9.34 -17.24
CA LEU A 204 -6.33 8.55 -18.01
C LEU A 204 -6.60 7.06 -17.91
N GLU A 205 -6.93 6.58 -16.71
CA GLU A 205 -7.19 5.16 -16.52
C GLU A 205 -8.45 4.72 -17.25
N GLN A 206 -9.46 5.59 -17.33
CA GLN A 206 -10.63 5.25 -18.13
C GLN A 206 -10.27 5.17 -19.62
N GLN A 207 -9.46 6.10 -20.12
CA GLN A 207 -9.00 6.02 -21.50
C GLN A 207 -8.27 4.70 -21.76
N SER A 208 -7.29 4.38 -20.90
CA SER A 208 -6.51 3.17 -21.09
C SER A 208 -7.40 1.93 -21.06
N ALA A 209 -8.34 1.88 -20.12
CA ALA A 209 -9.27 0.75 -20.05
C ALA A 209 -10.09 0.64 -21.33
N PHE A 210 -10.47 1.78 -21.91
CA PHE A 210 -11.19 1.77 -23.19
C PHE A 210 -10.34 1.10 -24.27
N TYR A 211 -9.06 1.47 -24.38
CA TYR A 211 -8.22 0.88 -25.42
C TYR A 211 -7.97 -0.60 -25.15
N GLU A 212 -7.74 -0.98 -23.89
CA GLU A 212 -7.53 -2.38 -23.56
C GLU A 212 -8.73 -3.23 -23.90
N ILE A 213 -9.92 -2.80 -23.47
CA ILE A 213 -11.13 -3.58 -23.77
C ILE A 213 -11.33 -3.68 -25.27
N LEU A 214 -10.99 -2.62 -26.02
CA LEU A 214 -11.07 -2.74 -27.47
C LEU A 214 -10.08 -3.74 -28.03
N SER A 215 -8.91 -3.88 -27.40
CA SER A 215 -7.86 -4.74 -27.93
C SER A 215 -7.99 -6.19 -27.51
N LEU A 216 -8.90 -6.54 -26.61
CA LEU A 216 -9.02 -7.90 -26.11
C LEU A 216 -9.49 -8.84 -27.22
N PRO A 217 -8.75 -9.91 -27.53
CA PRO A 217 -9.01 -10.66 -28.77
C PRO A 217 -10.07 -11.73 -28.70
N ASN A 218 -10.43 -12.21 -27.51
CA ASN A 218 -11.28 -13.40 -27.42
C ASN A 218 -12.71 -13.11 -27.00
N LEU A 219 -13.14 -11.86 -26.97
CA LEU A 219 -14.56 -11.56 -26.79
C LEU A 219 -15.17 -11.19 -28.12
N ASN A 220 -16.45 -11.50 -28.29
CA ASN A 220 -17.16 -11.10 -29.49
C ASN A 220 -17.42 -9.59 -29.49
N GLU A 221 -17.80 -9.09 -30.66
CA GLU A 221 -18.08 -7.67 -30.84
C GLU A 221 -19.14 -7.15 -29.87
N GLU A 222 -20.07 -8.00 -29.45
CA GLU A 222 -21.23 -7.51 -28.73
C GLU A 222 -20.97 -7.35 -27.24
N GLN A 223 -20.17 -8.24 -26.64
CA GLN A 223 -19.80 -8.03 -25.24
C GLN A 223 -18.70 -6.98 -25.11
N ARG A 224 -17.84 -6.82 -26.11
CA ARG A 224 -16.91 -5.69 -26.09
C ARG A 224 -17.67 -4.37 -26.15
N ASN A 225 -18.68 -4.29 -27.02
CA ASN A 225 -19.50 -3.08 -27.09
C ASN A 225 -20.26 -2.87 -25.78
N ALA A 226 -20.76 -3.95 -25.18
CA ALA A 226 -21.42 -3.85 -23.88
C ALA A 226 -20.47 -3.26 -22.84
N PHE A 227 -19.24 -3.78 -22.78
CA PHE A 227 -18.27 -3.28 -21.79
C PHE A 227 -17.92 -1.82 -22.02
N ILE A 228 -17.69 -1.42 -23.27
CA ILE A 228 -17.28 -0.03 -23.48
C ILE A 228 -18.46 0.91 -23.25
N GLN A 229 -19.69 0.45 -23.50
CA GLN A 229 -20.84 1.30 -23.27
C GLN A 229 -21.14 1.43 -21.79
N SER A 230 -20.96 0.35 -21.02
CA SER A 230 -21.05 0.47 -19.57
C SER A 230 -19.91 1.33 -19.03
N LEU A 231 -18.78 1.36 -19.74
CA LEU A 231 -17.68 2.25 -19.37
C LEU A 231 -18.04 3.70 -19.61
N LYS A 232 -18.78 3.98 -20.69
CA LYS A 232 -19.26 5.34 -20.91
C LYS A 232 -20.32 5.74 -19.89
N ASP A 233 -21.21 4.81 -19.53
CA ASP A 233 -22.33 5.16 -18.65
C ASP A 233 -21.91 5.34 -17.20
N ASP A 234 -20.78 4.75 -16.80
CA ASP A 234 -20.25 4.91 -15.44
C ASP A 234 -18.73 4.75 -15.50
N PRO A 235 -18.03 5.80 -15.92
CA PRO A 235 -16.56 5.67 -16.07
C PRO A 235 -15.83 5.31 -14.79
N SER A 236 -16.35 5.70 -13.63
CA SER A 236 -15.65 5.51 -12.36
C SER A 236 -15.24 4.07 -12.14
N GLN A 237 -15.99 3.11 -12.66
CA GLN A 237 -15.70 1.68 -12.47
C GLN A 237 -14.85 1.11 -13.59
N SER A 238 -13.92 1.89 -14.16
CA SER A 238 -13.05 1.38 -15.20
C SER A 238 -12.31 0.13 -14.76
N ALA A 239 -11.95 0.03 -13.48
CA ALA A 239 -11.36 -1.19 -12.97
C ALA A 239 -12.36 -2.34 -13.03
N ASN A 240 -13.52 -2.13 -12.40
CA ASN A 240 -14.49 -3.21 -12.26
C ASN A 240 -14.92 -3.75 -13.61
N LEU A 241 -15.06 -2.88 -14.61
CA LEU A 241 -15.42 -3.36 -15.93
C LEU A 241 -14.25 -4.08 -16.59
N LEU A 242 -13.05 -3.48 -16.52
CA LEU A 242 -11.91 -4.06 -17.24
C LEU A 242 -11.59 -5.44 -16.71
N ALA A 243 -11.60 -5.60 -15.38
CA ALA A 243 -11.38 -6.91 -14.80
C ALA A 243 -12.37 -7.91 -15.39
N GLU A 244 -13.66 -7.57 -15.36
CA GLU A 244 -14.67 -8.43 -15.96
C GLU A 244 -14.24 -8.85 -17.35
N ALA A 245 -13.91 -7.88 -18.20
CA ALA A 245 -13.57 -8.18 -19.59
C ALA A 245 -12.38 -9.13 -19.64
N LYS A 246 -11.33 -8.82 -18.88
CA LYS A 246 -10.15 -9.68 -18.93
C LYS A 246 -10.48 -11.08 -18.50
N SER A 247 -11.27 -11.23 -17.43
CA SER A 247 -11.65 -12.58 -17.02
C SER A 247 -12.40 -13.27 -18.15
N LEU A 248 -13.39 -12.59 -18.71
CA LEU A 248 -14.15 -13.21 -19.79
C LEU A 248 -13.23 -13.50 -20.97
N ASN A 249 -12.27 -12.60 -21.22
CA ASN A 249 -11.37 -12.80 -22.34
C ASN A 249 -10.55 -14.06 -22.17
N VAL A 250 -10.07 -14.34 -20.95
CA VAL A 250 -9.31 -15.58 -20.81
C VAL A 250 -10.25 -16.76 -20.82
N ASN A 251 -11.47 -16.59 -20.30
CA ASN A 251 -12.41 -17.70 -20.24
C ASN A 251 -12.69 -18.22 -21.63
N GLN A 252 -13.05 -17.33 -22.54
CA GLN A 252 -13.33 -17.75 -23.90
C GLN A 252 -12.07 -18.14 -24.66
N ALA A 253 -10.89 -17.71 -24.19
CA ALA A 253 -9.67 -18.27 -24.75
C ALA A 253 -9.58 -19.76 -24.43
N VAL A 254 -9.87 -20.13 -23.17
CA VAL A 254 -9.79 -21.52 -22.78
C VAL A 254 -10.72 -22.36 -23.63
N LYS A 255 -11.98 -21.93 -23.75
CA LYS A 255 -12.95 -22.68 -24.54
C LYS A 255 -12.45 -22.85 -25.97
N GLN A 256 -11.82 -21.81 -26.52
CA GLN A 256 -11.33 -21.93 -27.89
C GLN A 256 -10.28 -23.02 -27.98
N LEU A 257 -9.32 -23.03 -27.03
CA LEU A 257 -8.35 -24.11 -27.00
C LEU A 257 -9.04 -25.46 -26.93
N ALA A 258 -10.05 -25.57 -26.06
CA ALA A 258 -10.79 -26.82 -25.96
C ALA A 258 -11.35 -27.21 -27.31
N GLU A 259 -11.98 -26.26 -28.00
CA GLU A 259 -12.54 -26.57 -29.31
C GLU A 259 -11.42 -26.96 -30.28
N LYS A 260 -10.30 -26.24 -30.23
CA LYS A 260 -9.21 -26.57 -31.15
C LYS A 260 -8.66 -27.95 -30.85
N ALA A 261 -8.76 -28.39 -29.57
CA ALA A 261 -8.37 -29.75 -29.24
C ALA A 261 -9.38 -30.76 -29.78
N LYS A 262 -10.69 -30.45 -29.67
CA LYS A 262 -11.70 -31.37 -30.13
C LYS A 262 -11.62 -31.60 -31.63
N GLU A 263 -11.19 -30.59 -32.38
CA GLU A 263 -11.18 -30.66 -33.83
C GLU A 263 -9.84 -31.10 -34.42
N ALA A 264 -8.81 -31.24 -33.59
CA ALA A 264 -7.52 -31.71 -34.09
C ALA A 264 -7.58 -33.19 -34.47
N THR A 265 -6.86 -33.54 -35.53
CA THR A 265 -6.77 -34.93 -35.98
C THR A 265 -5.43 -35.58 -35.65
N ASP A 266 -4.50 -34.85 -35.04
CA ASP A 266 -3.18 -35.36 -34.72
C ASP A 266 -3.06 -35.50 -33.21
N LYS A 267 -2.76 -36.72 -32.75
CA LYS A 267 -2.68 -36.98 -31.31
C LYS A 267 -1.68 -36.05 -30.62
N GLU A 268 -0.52 -35.83 -31.25
CA GLU A 268 0.50 -35.00 -30.62
C GLU A 268 0.00 -33.57 -30.39
N GLU A 269 -0.78 -33.04 -31.35
CA GLU A 269 -1.32 -31.70 -31.19
C GLU A 269 -2.31 -31.63 -30.03
N VAL A 270 -3.19 -32.63 -29.94
CA VAL A 270 -4.12 -32.67 -28.81
C VAL A 270 -3.36 -32.73 -27.50
N ILE A 271 -2.27 -33.50 -27.46
CA ILE A 271 -1.44 -33.56 -26.25
C ILE A 271 -0.91 -32.17 -25.90
N GLU A 272 -0.39 -31.45 -26.90
CA GLU A 272 0.17 -30.14 -26.64
C GLU A 272 -0.90 -29.17 -26.12
N ILE A 273 -2.08 -29.17 -26.74
CA ILE A 273 -3.15 -28.29 -26.28
C ILE A 273 -3.56 -28.64 -24.86
N VAL A 274 -3.68 -29.95 -24.55
CA VAL A 274 -4.06 -30.37 -23.21
C VAL A 274 -3.00 -29.96 -22.19
N LYS A 275 -1.72 -30.05 -22.56
CA LYS A 275 -0.69 -29.56 -21.66
C LYS A 275 -0.79 -28.05 -21.47
N GLU A 276 -1.24 -27.33 -22.49
CA GLU A 276 -1.30 -25.87 -22.37
C GLU A 276 -2.46 -25.46 -21.45
N LEU A 277 -3.62 -26.09 -21.62
CA LEU A 277 -4.73 -25.89 -20.70
C LEU A 277 -4.37 -26.30 -19.28
N ALA A 278 -3.88 -27.53 -19.12
CA ALA A 278 -3.58 -28.06 -17.79
C ALA A 278 -2.54 -27.22 -17.07
N GLU A 279 -1.44 -26.92 -17.75
CA GLU A 279 -0.35 -26.20 -17.11
C GLU A 279 -0.61 -24.70 -17.06
N LEU A 280 -1.66 -24.23 -17.73
CA LEU A 280 -2.20 -22.91 -17.43
C LEU A 280 -3.04 -22.94 -16.16
N ALA A 281 -3.80 -24.01 -15.94
CA ALA A 281 -4.61 -24.11 -14.73
C ALA A 281 -3.75 -24.32 -13.50
N LYS A 282 -2.66 -25.06 -13.64
CA LYS A 282 -1.80 -25.36 -12.50
C LYS A 282 -1.08 -24.13 -11.99
N GLN A 283 -0.61 -23.27 -12.91
CA GLN A 283 0.12 -22.07 -12.53
C GLN A 283 -0.78 -20.86 -12.30
N SER A 284 -2.06 -20.94 -12.65
CA SER A 284 -2.98 -19.83 -12.46
C SER A 284 -3.68 -19.93 -11.10
N THR A 285 -3.88 -18.78 -10.46
CA THR A 285 -4.51 -18.70 -9.14
C THR A 285 -5.93 -18.15 -9.21
N ASP A 286 -6.60 -18.28 -10.35
CA ASP A 286 -7.97 -17.80 -10.49
C ASP A 286 -8.91 -19.00 -10.40
N SER A 287 -9.77 -19.00 -9.38
CA SER A 287 -10.56 -20.19 -9.04
C SER A 287 -11.50 -20.58 -10.16
N GLU A 288 -12.36 -19.66 -10.59
CA GLU A 288 -13.40 -20.02 -11.57
C GLU A 288 -12.81 -20.32 -12.93
N LEU A 289 -11.67 -19.69 -13.27
CA LEU A 289 -10.97 -20.05 -14.49
C LEU A 289 -10.49 -21.49 -14.43
N VAL A 290 -9.93 -21.89 -13.29
CA VAL A 290 -9.49 -23.28 -13.13
C VAL A 290 -10.69 -24.22 -13.24
N ASN A 291 -11.83 -23.82 -12.66
CA ASN A 291 -13.06 -24.60 -12.79
C ASN A 291 -13.44 -24.78 -14.27
N GLU A 292 -13.43 -23.69 -15.02
CA GLU A 292 -13.80 -23.76 -16.43
C GLU A 292 -12.83 -24.63 -17.21
N ILE A 293 -11.54 -24.53 -16.90
CA ILE A 293 -10.55 -25.38 -17.57
C ILE A 293 -10.85 -26.85 -17.28
N VAL A 294 -11.19 -27.17 -16.02
CA VAL A 294 -11.47 -28.56 -15.68
C VAL A 294 -12.66 -29.08 -16.46
N LYS A 295 -13.74 -28.30 -16.56
CA LYS A 295 -14.90 -28.85 -17.25
C LYS A 295 -14.68 -28.88 -18.77
N GLN A 296 -13.87 -27.96 -19.31
CA GLN A 296 -13.53 -28.03 -20.72
C GLN A 296 -12.71 -29.27 -21.03
N LEU A 297 -11.68 -29.54 -20.21
CA LEU A 297 -10.91 -30.77 -20.35
C LEU A 297 -11.84 -31.99 -20.29
N ALA A 298 -12.73 -32.00 -19.30
CA ALA A 298 -13.68 -33.10 -19.18
C ALA A 298 -14.52 -33.27 -20.44
N GLU A 299 -14.94 -32.17 -21.07
CA GLU A 299 -15.76 -32.32 -22.28
C GLU A 299 -14.92 -32.84 -23.45
N VAL A 300 -13.67 -32.38 -23.56
CA VAL A 300 -12.77 -32.92 -24.57
C VAL A 300 -12.63 -34.42 -24.40
N ALA A 301 -12.47 -34.88 -23.15
CA ALA A 301 -12.38 -36.31 -22.88
C ALA A 301 -13.69 -37.02 -23.20
N LYS A 302 -14.82 -36.38 -22.89
CA LYS A 302 -16.13 -37.01 -23.10
C LYS A 302 -16.37 -37.29 -24.57
N GLU A 303 -16.05 -36.35 -25.46
CA GLU A 303 -16.34 -36.57 -26.86
C GLU A 303 -15.15 -37.10 -27.66
N ALA A 304 -13.99 -37.27 -27.02
CA ALA A 304 -12.83 -37.84 -27.70
C ALA A 304 -13.10 -39.30 -28.10
N THR A 305 -12.64 -39.66 -29.30
CA THR A 305 -12.83 -41.01 -29.81
C THR A 305 -11.57 -41.87 -29.70
N ASP A 306 -10.48 -41.32 -29.16
CA ASP A 306 -9.22 -42.03 -29.04
C ASP A 306 -8.99 -42.38 -27.57
N LYS A 307 -8.84 -43.69 -27.30
CA LYS A 307 -8.63 -44.15 -25.94
C LYS A 307 -7.42 -43.48 -25.30
N GLU A 308 -6.37 -43.26 -26.08
CA GLU A 308 -5.14 -42.64 -25.55
C GLU A 308 -5.41 -41.24 -25.02
N LEU A 309 -6.24 -40.46 -25.72
CA LEU A 309 -6.47 -39.09 -25.30
C LEU A 309 -7.35 -39.03 -24.05
N VAL A 310 -8.35 -39.90 -23.96
CA VAL A 310 -9.16 -39.95 -22.75
C VAL A 310 -8.29 -40.29 -21.55
N ILE A 311 -7.41 -41.28 -21.71
CA ILE A 311 -6.51 -41.67 -20.62
C ILE A 311 -5.59 -40.51 -20.25
N TYR A 312 -5.10 -39.78 -21.27
CA TYR A 312 -4.20 -38.67 -21.00
C TYR A 312 -4.91 -37.56 -20.23
N ILE A 313 -6.09 -37.18 -20.68
CA ILE A 313 -6.82 -36.09 -20.03
C ILE A 313 -7.20 -36.49 -18.61
N VAL A 314 -7.73 -37.71 -18.44
CA VAL A 314 -8.06 -38.22 -17.10
C VAL A 314 -6.84 -38.14 -16.19
N LYS A 315 -5.67 -38.56 -16.70
CA LYS A 315 -4.45 -38.47 -15.91
C LYS A 315 -4.13 -37.04 -15.54
N ILE A 316 -4.34 -36.10 -16.46
CA ILE A 316 -4.10 -34.68 -16.21
C ILE A 316 -5.00 -34.16 -15.08
N LEU A 317 -6.30 -34.45 -15.17
CA LEU A 317 -7.22 -34.00 -14.14
C LEU A 317 -6.89 -34.62 -12.79
N ALA A 318 -6.55 -35.90 -12.77
CA ALA A 318 -6.12 -36.53 -11.52
C ALA A 318 -4.89 -35.84 -10.95
N GLU A 319 -3.91 -35.55 -11.80
CA GLU A 319 -2.72 -34.85 -11.33
C GLU A 319 -3.06 -33.47 -10.79
N LEU A 320 -4.10 -32.83 -11.33
CA LEU A 320 -4.52 -31.53 -10.79
C LEU A 320 -5.21 -31.69 -9.43
N ALA A 321 -6.02 -32.73 -9.27
CA ALA A 321 -6.71 -32.93 -8.01
C ALA A 321 -5.74 -33.32 -6.89
N LYS A 322 -4.68 -34.08 -7.21
CA LYS A 322 -3.81 -34.56 -6.14
C LYS A 322 -2.96 -33.43 -5.56
N GLN A 323 -2.60 -32.43 -6.36
CA GLN A 323 -1.77 -31.35 -5.85
C GLN A 323 -2.57 -30.16 -5.38
N SER A 324 -3.85 -30.06 -5.75
CA SER A 324 -4.68 -28.93 -5.35
C SER A 324 -5.27 -29.17 -3.97
N THR A 325 -5.28 -28.11 -3.16
CA THR A 325 -5.83 -28.16 -1.81
C THR A 325 -7.17 -27.44 -1.71
N ASP A 326 -7.85 -27.22 -2.84
CA ASP A 326 -9.14 -26.55 -2.86
C ASP A 326 -10.23 -27.62 -2.91
N SER A 327 -11.06 -27.64 -1.86
CA SER A 327 -12.02 -28.74 -1.70
C SER A 327 -13.05 -28.75 -2.82
N GLU A 328 -13.64 -27.59 -3.11
CA GLU A 328 -14.67 -27.54 -4.15
C GLU A 328 -14.09 -27.90 -5.52
N LEU A 329 -12.84 -27.50 -5.78
CA LEU A 329 -12.20 -27.88 -7.03
C LEU A 329 -11.98 -29.39 -7.11
N VAL A 330 -11.54 -30.00 -6.02
CA VAL A 330 -11.25 -31.43 -6.05
C VAL A 330 -12.55 -32.23 -6.21
N ASN A 331 -13.62 -31.81 -5.53
CA ASN A 331 -14.90 -32.47 -5.72
C ASN A 331 -15.45 -32.22 -7.12
N GLU A 332 -15.09 -31.09 -7.72
CA GLU A 332 -15.49 -30.79 -9.08
C GLU A 332 -14.80 -31.73 -10.08
N ILE A 333 -13.50 -31.96 -9.88
CA ILE A 333 -12.78 -32.91 -10.71
C ILE A 333 -13.31 -34.31 -10.51
N VAL A 334 -13.63 -34.68 -9.27
CA VAL A 334 -14.17 -36.00 -8.98
C VAL A 334 -15.49 -36.23 -9.71
N LYS A 335 -16.39 -35.24 -9.65
CA LYS A 335 -17.66 -35.43 -10.34
C LYS A 335 -17.47 -35.48 -11.86
N GLN A 336 -16.57 -34.63 -12.40
CA GLN A 336 -16.31 -34.65 -13.83
C GLN A 336 -15.81 -36.01 -14.29
N LEU A 337 -14.77 -36.53 -13.61
CA LEU A 337 -14.30 -37.87 -13.90
C LEU A 337 -15.43 -38.90 -13.79
N ALA A 338 -16.27 -38.76 -12.76
CA ALA A 338 -17.33 -39.73 -12.54
C ALA A 338 -18.30 -39.79 -13.72
N GLU A 339 -18.72 -38.64 -14.25
CA GLU A 339 -19.63 -38.71 -15.38
C GLU A 339 -18.92 -39.03 -16.70
N VAL A 340 -17.61 -38.76 -16.81
CA VAL A 340 -16.87 -39.33 -17.93
C VAL A 340 -16.98 -40.85 -17.89
N ALA A 341 -16.79 -41.44 -16.70
CA ALA A 341 -16.85 -42.89 -16.56
C ALA A 341 -18.26 -43.42 -16.82
N LYS A 342 -19.29 -42.70 -16.36
CA LYS A 342 -20.66 -43.19 -16.56
C LYS A 342 -21.05 -43.18 -18.03
N GLU A 343 -20.57 -42.19 -18.79
CA GLU A 343 -20.95 -42.07 -20.20
C GLU A 343 -19.99 -42.78 -21.14
N ALA A 344 -18.77 -43.11 -20.69
CA ALA A 344 -17.83 -43.82 -21.54
C ALA A 344 -18.41 -45.18 -21.93
N THR A 345 -18.12 -45.60 -23.16
CA THR A 345 -18.59 -46.88 -23.66
C THR A 345 -17.49 -47.93 -23.75
N ASP A 346 -16.28 -47.64 -23.27
CA ASP A 346 -15.14 -48.54 -23.34
C ASP A 346 -14.78 -49.02 -21.93
N LYS A 347 -14.75 -50.33 -21.74
CA LYS A 347 -14.48 -50.88 -20.41
C LYS A 347 -13.11 -50.48 -19.90
N GLU A 348 -12.10 -50.48 -20.76
CA GLU A 348 -10.77 -50.06 -20.34
C GLU A 348 -10.81 -48.68 -19.69
N LEU A 349 -11.61 -47.77 -20.25
CA LEU A 349 -11.67 -46.41 -19.73
C LEU A 349 -12.43 -46.35 -18.42
N VAL A 350 -13.54 -47.08 -18.30
CA VAL A 350 -14.27 -47.12 -17.03
C VAL A 350 -13.38 -47.68 -15.92
N ILE A 351 -12.65 -48.76 -16.22
CA ILE A 351 -11.76 -49.36 -15.24
C ILE A 351 -10.66 -48.39 -14.84
N TYR A 352 -10.11 -47.66 -15.82
CA TYR A 352 -9.04 -46.72 -15.52
C TYR A 352 -9.54 -45.57 -14.65
N ILE A 353 -10.69 -45.01 -15.00
CA ILE A 353 -11.24 -43.91 -14.21
C ILE A 353 -11.59 -44.39 -12.80
N VAL A 354 -12.12 -45.61 -12.68
CA VAL A 354 -12.43 -46.16 -11.36
C VAL A 354 -11.16 -46.31 -10.54
N LYS A 355 -10.08 -46.76 -11.16
CA LYS A 355 -8.81 -46.84 -10.44
C LYS A 355 -8.30 -45.45 -10.05
N ILE A 356 -8.52 -44.44 -10.90
CA ILE A 356 -8.07 -43.09 -10.60
C ILE A 356 -8.83 -42.52 -9.41
N LEU A 357 -10.16 -42.60 -9.44
CA LEU A 357 -10.97 -42.14 -8.32
C LEU A 357 -10.66 -42.91 -7.04
N ALA A 358 -10.36 -44.20 -7.17
CA ALA A 358 -9.97 -44.98 -6.01
C ALA A 358 -8.67 -44.46 -5.42
N GLU A 359 -7.68 -44.18 -6.27
CA GLU A 359 -6.43 -43.58 -5.79
C GLU A 359 -6.70 -42.28 -5.05
N LEU A 360 -7.58 -41.44 -5.59
CA LEU A 360 -7.91 -40.18 -4.92
C LEU A 360 -8.55 -40.45 -3.55
N ALA A 361 -9.47 -41.42 -3.48
CA ALA A 361 -10.12 -41.72 -2.21
C ALA A 361 -9.13 -42.22 -1.18
N LYS A 362 -8.24 -43.14 -1.57
CA LYS A 362 -7.24 -43.64 -0.63
C LYS A 362 -6.24 -42.56 -0.23
N GLN A 363 -6.06 -41.56 -1.08
CA GLN A 363 -5.17 -40.45 -0.76
C GLN A 363 -5.81 -39.47 0.22
N SER A 364 -7.13 -39.40 0.25
CA SER A 364 -7.82 -38.29 0.89
C SER A 364 -7.90 -38.45 2.41
N THR A 365 -7.80 -37.33 3.11
CA THR A 365 -8.12 -37.24 4.54
C THR A 365 -9.57 -36.89 4.80
N ASP A 366 -10.30 -36.40 3.80
CA ASP A 366 -11.65 -35.86 4.00
C ASP A 366 -12.69 -36.94 3.74
N SER A 367 -13.60 -37.12 4.69
CA SER A 367 -14.62 -38.16 4.57
C SER A 367 -15.70 -37.78 3.56
N GLU A 368 -15.95 -36.50 3.35
CA GLU A 368 -16.94 -36.10 2.36
C GLU A 368 -16.50 -36.47 0.96
N LEU A 369 -15.19 -36.32 0.69
CA LEU A 369 -14.64 -36.70 -0.60
C LEU A 369 -14.61 -38.23 -0.75
N VAL A 370 -14.17 -38.94 0.29
CA VAL A 370 -14.12 -40.40 0.21
C VAL A 370 -15.51 -40.99 -0.01
N ASN A 371 -16.51 -40.50 0.72
CA ASN A 371 -17.84 -41.07 0.57
C ASN A 371 -18.54 -40.59 -0.69
N GLU A 372 -18.21 -39.40 -1.19
CA GLU A 372 -18.71 -38.99 -2.49
C GLU A 372 -18.14 -39.87 -3.60
N ILE A 373 -16.85 -40.17 -3.54
CA ILE A 373 -16.25 -41.08 -4.50
C ILE A 373 -16.93 -42.45 -4.41
N VAL A 374 -17.13 -42.93 -3.17
CA VAL A 374 -17.77 -44.22 -2.96
C VAL A 374 -19.14 -44.26 -3.61
N LYS A 375 -19.95 -43.21 -3.44
CA LYS A 375 -21.28 -43.23 -4.02
C LYS A 375 -21.22 -43.08 -5.54
N GLN A 376 -20.24 -42.34 -6.06
CA GLN A 376 -20.05 -42.27 -7.51
C GLN A 376 -19.79 -43.66 -8.08
N LEU A 377 -18.87 -44.41 -7.46
CA LEU A 377 -18.56 -45.75 -7.92
C LEU A 377 -19.75 -46.67 -7.76
N GLU A 378 -20.60 -46.43 -6.75
CA GLU A 378 -21.79 -47.24 -6.59
C GLU A 378 -22.77 -46.98 -7.74
N GLU A 379 -22.89 -45.72 -8.17
CA GLU A 379 -23.71 -45.43 -9.34
C GLU A 379 -23.16 -46.11 -10.59
N VAL A 380 -21.85 -45.94 -10.83
CA VAL A 380 -21.19 -46.57 -11.97
C VAL A 380 -21.49 -48.07 -12.00
N ALA A 381 -21.36 -48.73 -10.84
CA ALA A 381 -21.65 -50.15 -10.76
C ALA A 381 -23.13 -50.45 -10.97
N LYS A 382 -24.01 -49.54 -10.53
CA LYS A 382 -25.43 -49.74 -10.71
C LYS A 382 -25.81 -49.76 -12.18
N GLU A 383 -25.10 -48.99 -13.00
CA GLU A 383 -25.44 -48.90 -14.42
C GLU A 383 -24.63 -49.83 -15.31
N ALA A 384 -23.69 -50.60 -14.75
CA ALA A 384 -22.88 -51.53 -15.53
C ALA A 384 -23.57 -52.88 -15.64
N THR A 385 -23.62 -53.42 -16.86
CA THR A 385 -24.22 -54.73 -17.12
C THR A 385 -23.17 -55.80 -17.40
N ASP A 386 -21.91 -55.54 -17.04
CA ASP A 386 -20.79 -56.45 -17.30
C ASP A 386 -20.26 -56.96 -15.97
N LYS A 387 -20.31 -58.28 -15.77
CA LYS A 387 -20.07 -58.83 -14.45
C LYS A 387 -18.62 -58.68 -14.02
N GLU A 388 -17.67 -58.76 -14.95
CA GLU A 388 -16.28 -58.52 -14.59
C GLU A 388 -16.09 -57.11 -14.08
N LEU A 389 -16.74 -56.13 -14.73
CA LEU A 389 -16.64 -54.75 -14.30
C LEU A 389 -17.31 -54.54 -12.95
N VAL A 390 -18.51 -55.09 -12.75
CA VAL A 390 -19.18 -54.91 -11.46
C VAL A 390 -18.38 -55.56 -10.35
N GLU A 391 -17.71 -56.67 -10.62
CA GLU A 391 -16.82 -57.27 -9.64
C GLU A 391 -15.65 -56.36 -9.32
N HIS A 392 -15.00 -55.83 -10.36
CA HIS A 392 -13.92 -54.86 -10.17
C HIS A 392 -14.34 -53.72 -9.26
N ILE A 393 -15.48 -53.09 -9.58
CA ILE A 393 -15.94 -51.95 -8.79
C ILE A 393 -16.30 -52.38 -7.38
N GLU A 394 -16.87 -53.58 -7.22
CA GLU A 394 -17.22 -54.06 -5.87
C GLU A 394 -15.98 -54.26 -5.01
N LYS A 395 -14.90 -54.77 -5.59
CA LYS A 395 -13.64 -54.88 -4.86
C LYS A 395 -13.11 -53.50 -4.47
N ILE A 396 -13.13 -52.56 -5.42
CA ILE A 396 -12.65 -51.22 -5.09
C ILE A 396 -13.49 -50.62 -3.96
N LEU A 397 -14.81 -50.78 -4.03
CA LEU A 397 -15.69 -50.25 -2.99
C LEU A 397 -15.43 -50.88 -1.63
N GLU A 398 -15.28 -52.21 -1.58
CA GLU A 398 -15.05 -52.85 -0.29
C GLU A 398 -13.71 -52.44 0.31
N GLU A 399 -12.68 -52.25 -0.52
CA GLU A 399 -11.41 -51.79 0.01
C GLU A 399 -11.52 -50.33 0.50
N LEU A 400 -12.26 -49.50 -0.23
CA LEU A 400 -12.49 -48.13 0.21
C LEU A 400 -13.23 -48.09 1.53
N LYS A 401 -14.17 -49.02 1.73
CA LYS A 401 -14.90 -49.06 2.99
C LYS A 401 -14.02 -49.55 4.12
N LYS A 402 -13.13 -50.51 3.85
CA LYS A 402 -12.21 -50.95 4.89
C LYS A 402 -11.22 -49.86 5.26
N GLN A 403 -10.93 -48.94 4.34
CA GLN A 403 -10.01 -47.85 4.63
C GLN A 403 -10.42 -47.08 5.88
N SER A 404 -11.67 -46.63 5.92
CA SER A 404 -12.14 -45.86 7.07
C SER A 404 -13.52 -46.32 7.54
N LYS B 8 -44.92 -28.03 8.35
CA LYS B 8 -44.99 -28.04 9.81
C LYS B 8 -44.38 -26.76 10.39
N GLU B 9 -43.43 -26.17 9.66
CA GLU B 9 -42.80 -24.94 10.12
C GLU B 9 -43.75 -23.75 10.01
N GLN B 10 -44.66 -23.77 9.03
CA GLN B 10 -45.65 -22.71 8.90
C GLN B 10 -46.57 -22.70 10.12
N GLN B 11 -46.99 -23.87 10.58
CA GLN B 11 -47.88 -23.94 11.73
C GLN B 11 -47.17 -23.55 13.02
N ASN B 12 -45.93 -23.98 13.18
CA ASN B 12 -45.17 -23.63 14.39
C ASN B 12 -44.91 -22.13 14.45
N ALA B 13 -44.64 -21.50 13.31
CA ALA B 13 -44.35 -20.07 13.30
C ALA B 13 -45.61 -19.23 13.47
N PHE B 14 -46.70 -19.62 12.80
CA PHE B 14 -47.94 -18.86 12.85
C PHE B 14 -48.50 -18.84 14.28
N TYR B 15 -48.61 -20.01 14.90
CA TYR B 15 -49.17 -20.11 16.25
C TYR B 15 -48.29 -19.39 17.26
N GLU B 16 -46.97 -19.42 17.07
CA GLU B 16 -46.09 -18.67 17.95
C GLU B 16 -46.16 -17.17 17.69
N ILE B 17 -46.47 -16.77 16.46
CA ILE B 17 -46.64 -15.35 16.17
C ILE B 17 -47.89 -14.82 16.87
N LEU B 18 -48.97 -15.60 16.90
CA LEU B 18 -50.17 -15.15 17.59
C LEU B 18 -50.00 -15.12 19.11
N HIS B 19 -49.02 -15.85 19.65
CA HIS B 19 -48.87 -15.99 21.09
C HIS B 19 -47.81 -15.08 21.67
N LEU B 20 -47.24 -14.17 20.88
CA LEU B 20 -46.24 -13.25 21.39
C LEU B 20 -46.93 -12.17 22.23
N PRO B 21 -46.51 -11.95 23.47
CA PRO B 21 -47.30 -11.10 24.37
C PRO B 21 -47.01 -9.61 24.25
N ASN B 22 -45.81 -9.24 23.80
CA ASN B 22 -45.39 -7.84 23.87
C ASN B 22 -45.39 -7.14 22.52
N LEU B 23 -46.21 -7.62 21.58
CA LEU B 23 -46.66 -6.82 20.44
C LEU B 23 -48.15 -6.58 20.59
N ASN B 24 -48.60 -5.40 20.19
CA ASN B 24 -50.04 -5.13 20.17
C ASN B 24 -50.68 -5.80 18.96
N GLU B 25 -52.00 -5.64 18.84
CA GLU B 25 -52.78 -6.36 17.85
C GLU B 25 -52.32 -6.07 16.42
N GLU B 26 -51.92 -4.82 16.14
CA GLU B 26 -51.63 -4.44 14.77
C GLU B 26 -50.39 -5.14 14.23
N GLN B 27 -49.39 -5.37 15.09
CA GLN B 27 -48.23 -6.13 14.64
C GLN B 27 -48.54 -7.62 14.53
N ARG B 28 -49.40 -8.15 15.40
CA ARG B 28 -49.78 -9.55 15.30
C ARG B 28 -50.49 -9.85 13.99
N ASN B 29 -51.66 -9.22 13.78
CA ASN B 29 -52.41 -9.48 12.55
C ASN B 29 -51.67 -8.95 11.32
N ALA B 30 -50.83 -7.92 11.50
CA ALA B 30 -49.97 -7.48 10.40
C ALA B 30 -49.03 -8.60 9.96
N PHE B 31 -48.34 -9.23 10.92
CA PHE B 31 -47.44 -10.32 10.58
C PHE B 31 -48.20 -11.52 10.03
N ILE B 32 -49.44 -11.74 10.46
CA ILE B 32 -50.24 -12.80 9.85
C ILE B 32 -50.57 -12.46 8.40
N GLN B 33 -50.94 -11.21 8.15
CA GLN B 33 -51.17 -10.74 6.79
C GLN B 33 -49.93 -10.96 5.91
N SER B 34 -48.75 -10.66 6.45
CA SER B 34 -47.52 -10.89 5.68
C SER B 34 -47.18 -12.37 5.59
N LEU B 35 -47.69 -13.19 6.49
CA LEU B 35 -47.58 -14.64 6.33
C LEU B 35 -48.40 -15.13 5.15
N LYS B 36 -49.57 -14.50 4.92
CA LYS B 36 -50.35 -14.83 3.74
C LYS B 36 -49.82 -14.18 2.47
N ASP B 37 -49.07 -13.08 2.58
CA ASP B 37 -48.51 -12.45 1.38
C ASP B 37 -47.44 -13.32 0.74
N ASP B 38 -46.65 -14.03 1.53
CA ASP B 38 -45.60 -14.91 1.03
C ASP B 38 -45.17 -15.90 2.10
N PRO B 39 -45.77 -17.09 2.15
CA PRO B 39 -45.39 -18.05 3.20
C PRO B 39 -43.98 -18.58 3.07
N SER B 40 -43.36 -18.49 1.88
CA SER B 40 -41.98 -18.93 1.74
C SER B 40 -41.03 -18.10 2.59
N GLN B 41 -41.39 -16.86 2.90
CA GLN B 41 -40.62 -16.01 3.80
C GLN B 41 -41.14 -16.07 5.23
N SER B 42 -42.04 -17.01 5.53
CA SER B 42 -42.69 -17.08 6.84
C SER B 42 -41.66 -17.07 7.97
N ALA B 43 -40.70 -17.99 7.91
CA ALA B 43 -39.62 -18.04 8.88
C ALA B 43 -39.02 -16.66 9.10
N ASN B 44 -38.66 -15.98 8.00
CA ASN B 44 -38.12 -14.63 8.08
C ASN B 44 -38.97 -13.77 9.02
N LEU B 45 -40.25 -13.61 8.68
CA LEU B 45 -41.15 -12.81 9.50
C LEU B 45 -41.05 -13.21 10.96
N LEU B 46 -41.10 -14.51 11.24
CA LEU B 46 -41.02 -15.00 12.61
C LEU B 46 -39.78 -14.44 13.30
N ALA B 47 -38.61 -14.64 12.69
CA ALA B 47 -37.38 -14.13 13.27
C ALA B 47 -37.47 -12.63 13.50
N GLU B 48 -38.03 -11.90 12.53
CA GLU B 48 -38.27 -10.48 12.73
C GLU B 48 -39.20 -10.24 13.91
N ALA B 49 -40.37 -10.89 13.90
CA ALA B 49 -41.39 -10.64 14.91
C ALA B 49 -40.83 -10.82 16.31
N LYS B 50 -40.15 -11.95 16.56
CA LYS B 50 -39.65 -12.22 17.90
C LYS B 50 -38.70 -11.14 18.35
N SER B 51 -37.84 -10.67 17.43
CA SER B 51 -36.91 -9.60 17.81
C SER B 51 -37.69 -8.36 18.23
N LEU B 52 -38.70 -7.99 17.42
CA LEU B 52 -39.53 -6.86 17.81
C LEU B 52 -40.15 -7.12 19.19
N ASN B 53 -40.62 -8.35 19.41
CA ASN B 53 -41.25 -8.66 20.69
C ASN B 53 -40.28 -8.50 21.83
N VAL B 54 -39.01 -8.82 21.61
CA VAL B 54 -38.06 -8.63 22.70
C VAL B 54 -37.61 -7.18 22.74
N ASN B 55 -37.56 -6.50 21.59
CA ASN B 55 -37.07 -5.13 21.58
C ASN B 55 -38.02 -4.23 22.34
N GLN B 56 -39.32 -4.37 22.11
CA GLN B 56 -40.30 -3.68 22.95
C GLN B 56 -40.28 -4.22 24.37
N ALA B 57 -39.99 -5.53 24.54
CA ALA B 57 -39.94 -6.13 25.88
C ALA B 57 -38.94 -5.40 26.77
N VAL B 58 -37.74 -5.16 26.27
CA VAL B 58 -36.75 -4.45 27.08
C VAL B 58 -37.20 -3.01 27.29
N LYS B 59 -37.93 -2.42 26.34
CA LYS B 59 -38.40 -1.05 26.49
C LYS B 59 -39.40 -0.92 27.63
N GLN B 60 -40.52 -1.64 27.52
CA GLN B 60 -41.52 -1.65 28.58
C GLN B 60 -40.91 -1.97 29.93
N LEU B 61 -40.13 -3.06 30.00
CA LEU B 61 -39.49 -3.43 31.25
C LEU B 61 -38.67 -2.27 31.79
N ALA B 62 -37.91 -1.62 30.91
CA ALA B 62 -37.13 -0.45 31.33
C ALA B 62 -38.02 0.55 32.03
N GLU B 63 -39.14 0.93 31.40
CA GLU B 63 -40.00 1.94 31.99
C GLU B 63 -40.65 1.46 33.28
N LYS B 64 -40.90 0.15 33.40
CA LYS B 64 -41.45 -0.33 34.67
C LYS B 64 -40.42 -0.18 35.79
N ALA B 65 -39.13 -0.29 35.44
CA ALA B 65 -38.10 0.00 36.44
C ALA B 65 -38.08 1.48 36.82
N LYS B 66 -38.58 2.35 35.95
CA LYS B 66 -38.37 3.78 36.12
C LYS B 66 -39.48 4.47 36.90
N GLU B 67 -40.72 3.99 36.79
CA GLU B 67 -41.82 4.46 37.62
C GLU B 67 -42.15 3.51 38.77
N ALA B 68 -41.16 2.72 39.20
CA ALA B 68 -41.35 1.82 40.32
C ALA B 68 -40.91 2.50 41.61
N THR B 69 -41.62 2.19 42.69
CA THR B 69 -41.34 2.81 43.98
C THR B 69 -40.60 1.89 44.94
N ASP B 70 -40.76 0.57 44.80
CA ASP B 70 -40.08 -0.38 45.66
C ASP B 70 -38.71 -0.70 45.06
N LYS B 71 -37.65 -0.47 45.85
CA LYS B 71 -36.29 -0.74 45.39
C LYS B 71 -36.14 -2.19 44.95
N GLU B 72 -36.73 -3.13 45.70
CA GLU B 72 -36.56 -4.54 45.39
C GLU B 72 -37.10 -4.86 44.00
N GLU B 73 -38.21 -4.25 43.62
CA GLU B 73 -38.77 -4.49 42.29
C GLU B 73 -37.82 -4.03 41.18
N VAL B 74 -37.22 -2.84 41.35
CA VAL B 74 -36.27 -2.37 40.35
C VAL B 74 -35.03 -3.25 40.31
N ILE B 75 -34.61 -3.76 41.47
CA ILE B 75 -33.48 -4.68 41.51
C ILE B 75 -33.79 -5.92 40.69
N GLU B 76 -35.02 -6.43 40.80
CA GLU B 76 -35.39 -7.62 40.05
C GLU B 76 -35.55 -7.32 38.56
N ILE B 77 -35.98 -6.11 38.22
CA ILE B 77 -36.16 -5.75 36.81
C ILE B 77 -34.82 -5.59 36.12
N VAL B 78 -33.90 -4.80 36.70
CA VAL B 78 -32.57 -4.65 36.12
C VAL B 78 -31.85 -6.00 36.12
N LYS B 79 -32.08 -6.81 37.15
CA LYS B 79 -31.53 -8.16 37.18
C LYS B 79 -32.03 -8.98 36.00
N GLU B 80 -33.31 -8.79 35.64
CA GLU B 80 -33.90 -9.51 34.52
C GLU B 80 -33.31 -9.06 33.19
N LEU B 81 -33.19 -7.74 32.98
CA LEU B 81 -32.57 -7.22 31.77
C LEU B 81 -31.13 -7.71 31.63
N ALA B 82 -30.37 -7.66 32.73
CA ALA B 82 -28.97 -8.08 32.69
C ALA B 82 -28.86 -9.56 32.33
N GLU B 83 -29.68 -10.40 32.94
CA GLU B 83 -29.65 -11.82 32.57
C GLU B 83 -30.15 -12.02 31.14
N LEU B 84 -30.96 -11.10 30.64
CA LEU B 84 -31.46 -11.20 29.27
C LEU B 84 -30.38 -10.85 28.25
N ALA B 85 -29.48 -9.93 28.58
CA ALA B 85 -28.37 -9.64 27.67
C ALA B 85 -27.26 -10.68 27.80
N LYS B 86 -26.91 -11.02 29.03
CA LYS B 86 -25.87 -12.02 29.28
C LYS B 86 -26.23 -13.36 28.65
N GLN B 87 -27.37 -13.92 29.05
CA GLN B 87 -27.72 -15.27 28.64
C GLN B 87 -28.17 -15.36 27.19
N SER B 88 -28.31 -14.24 26.49
CA SER B 88 -28.63 -14.21 25.06
C SER B 88 -27.43 -13.73 24.25
N THR B 89 -27.58 -13.83 22.90
CA THR B 89 -26.50 -13.55 21.95
C THR B 89 -27.03 -12.70 20.79
N ASP B 90 -27.16 -11.39 21.04
CA ASP B 90 -27.52 -10.44 19.99
C ASP B 90 -26.80 -9.13 20.23
N SER B 91 -26.25 -8.55 19.16
CA SER B 91 -25.41 -7.37 19.32
C SER B 91 -26.26 -6.12 19.55
N GLU B 92 -27.26 -5.91 18.70
CA GLU B 92 -27.97 -4.65 18.77
C GLU B 92 -28.93 -4.64 19.95
N LEU B 93 -29.47 -5.81 20.30
CA LEU B 93 -30.32 -5.91 21.48
C LEU B 93 -29.53 -5.64 22.74
N VAL B 94 -28.35 -6.27 22.86
CA VAL B 94 -27.48 -6.02 24.01
C VAL B 94 -27.17 -4.53 24.11
N ASN B 95 -26.79 -3.91 22.99
CA ASN B 95 -26.50 -2.47 23.03
C ASN B 95 -27.71 -1.66 23.49
N GLU B 96 -28.90 -2.01 22.99
CA GLU B 96 -30.10 -1.28 23.38
C GLU B 96 -30.38 -1.43 24.87
N ILE B 97 -30.21 -2.63 25.42
CA ILE B 97 -30.52 -2.82 26.83
C ILE B 97 -29.48 -2.13 27.71
N VAL B 98 -28.21 -2.07 27.29
CA VAL B 98 -27.26 -1.36 28.12
C VAL B 98 -27.54 0.14 28.07
N LYS B 99 -28.05 0.65 26.94
CA LYS B 99 -28.37 2.07 26.91
C LYS B 99 -29.61 2.38 27.74
N GLN B 100 -30.59 1.48 27.76
CA GLN B 100 -31.76 1.72 28.60
C GLN B 100 -31.41 1.60 30.08
N LEU B 101 -30.59 0.62 30.45
CA LEU B 101 -30.10 0.56 31.82
C LEU B 101 -29.37 1.85 32.19
N ALA B 102 -28.56 2.37 31.27
CA ALA B 102 -27.89 3.64 31.54
C ALA B 102 -28.88 4.77 31.78
N GLU B 103 -29.97 4.81 30.99
CA GLU B 103 -30.97 5.86 31.19
C GLU B 103 -31.66 5.72 32.53
N VAL B 104 -32.02 4.49 32.90
CA VAL B 104 -32.62 4.25 34.22
C VAL B 104 -31.69 4.73 35.32
N ALA B 105 -30.38 4.51 35.15
CA ALA B 105 -29.43 5.00 36.14
C ALA B 105 -29.38 6.53 36.16
N LYS B 106 -29.47 7.17 34.99
CA LYS B 106 -29.36 8.62 34.95
C LYS B 106 -30.58 9.30 35.57
N GLU B 107 -31.77 8.71 35.46
CA GLU B 107 -32.94 9.35 36.03
C GLU B 107 -33.26 8.87 37.44
N ALA B 108 -32.51 7.91 37.98
CA ALA B 108 -32.81 7.38 39.30
C ALA B 108 -32.45 8.37 40.40
N THR B 109 -33.32 8.49 41.40
CA THR B 109 -33.09 9.34 42.55
C THR B 109 -32.51 8.59 43.75
N ASP B 110 -32.46 7.26 43.70
CA ASP B 110 -31.90 6.45 44.78
C ASP B 110 -30.51 5.98 44.39
N LYS B 111 -29.50 6.37 45.16
CA LYS B 111 -28.13 6.07 44.76
C LYS B 111 -27.79 4.59 44.89
N GLU B 112 -28.42 3.89 45.84
CA GLU B 112 -28.25 2.44 45.90
C GLU B 112 -28.60 1.80 44.57
N LEU B 113 -29.69 2.25 43.97
CA LEU B 113 -30.14 1.69 42.71
C LEU B 113 -29.18 2.07 41.57
N VAL B 114 -28.67 3.31 41.60
CA VAL B 114 -27.67 3.74 40.62
C VAL B 114 -26.43 2.86 40.71
N ILE B 115 -25.90 2.65 41.92
CA ILE B 115 -24.67 1.86 42.03
C ILE B 115 -24.94 0.40 41.68
N TYR B 116 -26.18 -0.07 41.87
CA TYR B 116 -26.50 -1.43 41.43
C TYR B 116 -26.44 -1.53 39.91
N ILE B 117 -27.08 -0.58 39.21
CA ILE B 117 -27.06 -0.60 37.75
C ILE B 117 -25.64 -0.46 37.22
N VAL B 118 -24.84 0.42 37.84
CA VAL B 118 -23.45 0.57 37.43
C VAL B 118 -22.70 -0.75 37.62
N LYS B 119 -22.88 -1.42 38.76
CA LYS B 119 -22.28 -2.71 38.99
C LYS B 119 -22.65 -3.70 37.88
N ILE B 120 -23.93 -3.73 37.50
CA ILE B 120 -24.37 -4.66 36.46
C ILE B 120 -23.71 -4.35 35.13
N LEU B 121 -23.62 -3.07 34.76
CA LEU B 121 -22.98 -2.71 33.49
C LEU B 121 -21.50 -3.08 33.49
N ALA B 122 -20.81 -2.81 34.60
CA ALA B 122 -19.42 -3.25 34.74
C ALA B 122 -19.28 -4.75 34.60
N GLU B 123 -20.24 -5.51 35.15
CA GLU B 123 -20.16 -6.96 35.04
C GLU B 123 -20.46 -7.42 33.62
N LEU B 124 -21.27 -6.65 32.88
CA LEU B 124 -21.44 -6.91 31.46
C LEU B 124 -20.15 -6.67 30.70
N ALA B 125 -19.41 -5.63 31.06
CA ALA B 125 -18.16 -5.34 30.36
C ALA B 125 -17.09 -6.39 30.66
N LYS B 126 -16.95 -6.78 31.93
CA LYS B 126 -15.88 -7.74 32.27
C LYS B 126 -16.12 -9.10 31.62
N GLN B 127 -17.37 -9.53 31.54
CA GLN B 127 -17.72 -10.84 30.96
C GLN B 127 -18.18 -10.69 29.52
N SER B 128 -17.41 -9.97 28.69
CA SER B 128 -17.83 -9.70 27.32
C SER B 128 -16.66 -9.89 26.37
N THR B 129 -16.96 -10.49 25.22
CA THR B 129 -16.00 -10.67 24.14
C THR B 129 -16.16 -9.63 23.03
N ASP B 130 -17.16 -8.76 23.12
CA ASP B 130 -17.47 -7.79 22.08
C ASP B 130 -16.80 -6.47 22.43
N SER B 131 -15.81 -6.07 21.62
CA SER B 131 -15.01 -4.90 21.93
C SER B 131 -15.84 -3.62 21.91
N GLU B 132 -16.76 -3.51 20.95
CA GLU B 132 -17.48 -2.25 20.79
C GLU B 132 -18.56 -2.07 21.86
N LEU B 133 -19.08 -3.17 22.41
CA LEU B 133 -20.03 -3.05 23.50
C LEU B 133 -19.33 -2.79 24.83
N VAL B 134 -18.10 -3.25 24.99
CA VAL B 134 -17.30 -2.86 26.16
C VAL B 134 -17.00 -1.37 26.08
N ASN B 135 -16.62 -0.89 24.90
CA ASN B 135 -16.36 0.52 24.72
C ASN B 135 -17.62 1.34 24.98
N GLU B 136 -18.77 0.84 24.51
CA GLU B 136 -20.04 1.53 24.73
C GLU B 136 -20.41 1.58 26.20
N ILE B 137 -20.22 0.48 26.92
CA ILE B 137 -20.47 0.50 28.35
C ILE B 137 -19.58 1.53 29.04
N VAL B 138 -18.32 1.60 28.64
CA VAL B 138 -17.43 2.62 29.20
C VAL B 138 -18.01 4.02 28.99
N LYS B 139 -18.46 4.31 27.75
CA LYS B 139 -19.00 5.63 27.46
C LYS B 139 -20.27 5.92 28.28
N GLN B 140 -21.15 4.92 28.42
CA GLN B 140 -22.38 5.15 29.18
C GLN B 140 -22.11 5.38 30.65
N LEU B 141 -21.24 4.58 31.25
CA LEU B 141 -20.84 4.83 32.63
C LEU B 141 -20.26 6.23 32.77
N ALA B 142 -19.42 6.65 31.82
CA ALA B 142 -18.85 7.98 31.85
C ALA B 142 -19.92 9.06 31.81
N GLU B 143 -20.94 8.90 30.96
CA GLU B 143 -22.01 9.88 30.91
C GLU B 143 -22.83 9.89 32.20
N VAL B 144 -22.99 8.72 32.84
CA VAL B 144 -23.68 8.69 34.13
C VAL B 144 -22.91 9.49 35.17
N ALA B 145 -21.59 9.30 35.22
CA ALA B 145 -20.77 10.05 36.18
C ALA B 145 -20.76 11.54 35.86
N LYS B 146 -20.76 11.89 34.57
CA LYS B 146 -20.74 13.31 34.20
C LYS B 146 -22.05 13.99 34.56
N GLU B 147 -23.16 13.29 34.36
CA GLU B 147 -24.47 13.86 34.67
C GLU B 147 -24.84 13.76 36.14
N ALA B 148 -23.93 13.28 36.99
CA ALA B 148 -24.24 13.04 38.39
C ALA B 148 -23.87 14.24 39.23
N THR B 149 -24.74 14.54 40.22
CA THR B 149 -24.52 15.63 41.16
C THR B 149 -24.11 15.16 42.54
N ASP B 150 -24.07 13.86 42.79
CA ASP B 150 -23.63 13.30 44.06
C ASP B 150 -22.20 12.80 43.92
N LYS B 151 -21.30 13.32 44.75
CA LYS B 151 -19.88 12.95 44.66
C LYS B 151 -19.69 11.44 44.82
N GLU B 152 -20.46 10.80 45.71
CA GLU B 152 -20.26 9.39 45.97
C GLU B 152 -20.53 8.54 44.72
N LEU B 153 -21.58 8.88 43.98
CA LEU B 153 -21.86 8.20 42.72
C LEU B 153 -20.72 8.40 41.73
N VAL B 154 -20.22 9.62 41.62
CA VAL B 154 -19.15 9.92 40.66
C VAL B 154 -17.90 9.11 40.99
N ILE B 155 -17.51 9.09 42.27
CA ILE B 155 -16.29 8.38 42.64
C ILE B 155 -16.48 6.87 42.54
N TYR B 156 -17.70 6.37 42.81
CA TYR B 156 -17.97 4.96 42.59
C TYR B 156 -17.80 4.59 41.12
N ILE B 157 -18.34 5.41 40.22
CA ILE B 157 -18.24 5.11 38.79
C ILE B 157 -16.80 5.23 38.34
N VAL B 158 -16.07 6.21 38.85
CA VAL B 158 -14.66 6.37 38.49
C VAL B 158 -13.86 5.14 38.91
N LYS B 159 -14.09 4.65 40.14
CA LYS B 159 -13.36 3.46 40.58
C LYS B 159 -13.75 2.23 39.77
N ILE B 160 -15.01 2.12 39.38
CA ILE B 160 -15.44 1.00 38.56
C ILE B 160 -14.73 1.01 37.21
N LEU B 161 -14.77 2.16 36.52
CA LEU B 161 -14.08 2.28 35.24
C LEU B 161 -12.59 2.02 35.41
N ALA B 162 -11.99 2.57 36.46
CA ALA B 162 -10.57 2.35 36.75
C ALA B 162 -10.25 0.87 36.88
N GLU B 163 -11.12 0.10 37.54
CA GLU B 163 -10.81 -1.33 37.71
C GLU B 163 -11.02 -2.09 36.39
N LEU B 164 -12.01 -1.67 35.59
CA LEU B 164 -12.13 -2.20 34.24
C LEU B 164 -10.86 -1.98 33.44
N ALA B 165 -10.24 -0.80 33.57
CA ALA B 165 -9.00 -0.54 32.84
C ALA B 165 -7.85 -1.36 33.42
N LYS B 166 -7.80 -1.49 34.74
CA LYS B 166 -6.75 -2.22 35.42
C LYS B 166 -6.87 -3.73 35.23
N GLN B 167 -7.92 -4.20 34.57
CA GLN B 167 -7.99 -5.60 34.17
C GLN B 167 -7.92 -5.82 32.66
N SER B 168 -7.99 -4.76 31.86
CA SER B 168 -8.06 -4.90 30.40
C SER B 168 -6.68 -5.02 29.78
N THR B 169 -6.58 -5.81 28.72
CA THR B 169 -5.37 -5.96 27.93
C THR B 169 -5.34 -5.04 26.72
N ASP B 170 -6.38 -4.26 26.49
CA ASP B 170 -6.41 -3.29 25.41
C ASP B 170 -5.52 -2.09 25.77
N SER B 171 -5.34 -1.20 24.79
CA SER B 171 -4.61 0.04 25.01
C SER B 171 -5.43 1.28 24.69
N GLU B 172 -6.23 1.26 23.62
CA GLU B 172 -7.13 2.38 23.37
C GLU B 172 -8.25 2.42 24.39
N LEU B 173 -8.63 1.26 24.94
CA LEU B 173 -9.66 1.24 25.97
C LEU B 173 -9.12 1.79 27.29
N VAL B 174 -7.86 1.50 27.59
CA VAL B 174 -7.25 2.03 28.82
C VAL B 174 -7.07 3.53 28.73
N ASN B 175 -6.55 4.01 27.59
CA ASN B 175 -6.36 5.45 27.42
C ASN B 175 -7.69 6.16 27.25
N GLU B 176 -8.71 5.47 26.73
CA GLU B 176 -10.04 6.05 26.61
C GLU B 176 -10.69 6.20 27.98
N ILE B 177 -10.55 5.18 28.83
CA ILE B 177 -11.00 5.31 30.21
C ILE B 177 -10.26 6.43 30.91
N VAL B 178 -8.94 6.54 30.67
CA VAL B 178 -8.14 7.59 31.30
C VAL B 178 -8.62 8.97 30.85
N LYS B 179 -8.99 9.11 29.58
CA LYS B 179 -9.45 10.42 29.12
C LYS B 179 -10.86 10.72 29.60
N GLN B 180 -11.72 9.71 29.75
CA GLN B 180 -13.04 9.98 30.32
C GLN B 180 -12.90 10.42 31.77
N LEU B 181 -11.97 9.81 32.52
CA LEU B 181 -11.74 10.26 33.88
C LEU B 181 -11.10 11.64 33.92
N GLU B 182 -10.28 11.98 32.92
CA GLU B 182 -9.74 13.34 32.83
C GLU B 182 -10.86 14.35 32.61
N GLU B 183 -11.87 13.98 31.82
CA GLU B 183 -12.99 14.89 31.61
C GLU B 183 -13.87 14.98 32.84
N VAL B 184 -14.05 13.87 33.56
CA VAL B 184 -14.82 13.90 34.80
C VAL B 184 -14.14 14.81 35.82
N ALA B 185 -12.81 14.71 35.93
CA ALA B 185 -12.10 15.58 36.86
C ALA B 185 -12.10 17.02 36.39
N LYS B 186 -12.03 17.23 35.06
CA LYS B 186 -11.92 18.57 34.51
C LYS B 186 -13.18 19.39 34.72
N GLU B 187 -14.35 18.75 34.70
CA GLU B 187 -15.63 19.41 34.91
C GLU B 187 -16.12 19.26 36.35
N ALA B 188 -15.21 19.09 37.29
CA ALA B 188 -15.57 18.85 38.69
C ALA B 188 -15.34 20.14 39.50
N THR B 189 -16.40 20.60 40.15
CA THR B 189 -16.36 21.75 41.03
C THR B 189 -15.86 21.41 42.43
N ASP B 190 -15.80 20.14 42.79
CA ASP B 190 -15.43 19.71 44.13
C ASP B 190 -13.93 19.47 44.19
N LYS B 191 -13.26 20.15 45.13
CA LYS B 191 -11.80 20.06 45.20
C LYS B 191 -11.33 18.69 45.64
N GLU B 192 -12.05 18.06 46.58
CA GLU B 192 -11.61 16.76 47.09
C GLU B 192 -11.96 15.62 46.13
N LEU B 193 -13.02 15.79 45.33
CA LEU B 193 -13.29 14.84 44.26
C LEU B 193 -12.12 14.80 43.27
N VAL B 194 -11.55 15.96 42.97
CA VAL B 194 -10.48 16.04 42.00
C VAL B 194 -9.23 15.33 42.50
N GLU B 195 -8.89 15.51 43.78
CA GLU B 195 -7.72 14.83 44.33
C GLU B 195 -7.83 13.32 44.20
N HIS B 196 -9.01 12.77 44.49
CA HIS B 196 -9.20 11.34 44.41
C HIS B 196 -9.13 10.84 42.97
N ILE B 197 -9.82 11.53 42.06
CA ILE B 197 -9.75 11.16 40.65
C ILE B 197 -8.31 11.23 40.13
N GLU B 198 -7.52 12.19 40.63
CA GLU B 198 -6.14 12.32 40.18
C GLU B 198 -5.25 11.24 40.77
N LYS B 199 -5.54 10.79 42.00
CA LYS B 199 -4.82 9.63 42.55
C LYS B 199 -5.08 8.39 41.70
N ILE B 200 -6.36 8.14 41.40
CA ILE B 200 -6.71 7.02 40.53
C ILE B 200 -6.02 7.15 39.17
N LEU B 201 -6.02 8.35 38.60
CA LEU B 201 -5.42 8.56 37.30
C LEU B 201 -3.91 8.33 37.34
N GLU B 202 -3.25 8.67 38.45
CA GLU B 202 -1.82 8.41 38.52
C GLU B 202 -1.55 6.91 38.58
N GLU B 203 -2.38 6.18 39.34
CA GLU B 203 -2.24 4.72 39.36
C GLU B 203 -2.37 4.15 37.95
N LEU B 204 -3.39 4.59 37.22
CA LEU B 204 -3.57 4.12 35.84
C LEU B 204 -2.38 4.47 34.98
N GLU B 205 -1.79 5.66 35.19
CA GLU B 205 -0.63 6.07 34.41
C GLU B 205 0.57 5.19 34.69
N GLN B 206 0.74 4.74 35.94
CA GLN B 206 1.88 3.90 36.26
C GLN B 206 1.74 2.50 35.67
N GLN B 207 0.52 1.94 35.73
CA GLN B 207 0.31 0.65 35.07
C GLN B 207 0.53 0.77 33.56
N SER B 208 -0.07 1.79 32.95
CA SER B 208 0.06 1.98 31.51
C SER B 208 1.52 2.16 31.10
N ALA B 209 2.28 2.95 31.87
CA ALA B 209 3.70 3.14 31.59
C ALA B 209 4.46 1.83 31.70
N PHE B 210 4.09 0.99 32.66
CA PHE B 210 4.71 -0.34 32.78
C PHE B 210 4.52 -1.14 31.49
N TYR B 211 3.29 -1.19 30.98
CA TYR B 211 3.03 -1.97 29.77
C TYR B 211 3.67 -1.33 28.53
N GLU B 212 3.66 0.00 28.45
CA GLU B 212 4.31 0.67 27.33
C GLU B 212 5.79 0.36 27.29
N ILE B 213 6.48 0.49 28.45
CA ILE B 213 7.90 0.19 28.49
C ILE B 213 8.13 -1.26 28.07
N LEU B 214 7.22 -2.16 28.45
CA LEU B 214 7.35 -3.54 27.97
C LEU B 214 7.20 -3.63 26.45
N SER B 215 6.38 -2.79 25.86
CA SER B 215 6.08 -2.93 24.44
C SER B 215 7.11 -2.27 23.52
N LEU B 216 8.05 -1.51 24.07
CA LEU B 216 8.99 -0.78 23.23
C LEU B 216 9.91 -1.76 22.50
N PRO B 217 9.96 -1.72 21.16
CA PRO B 217 10.59 -2.82 20.42
C PRO B 217 12.10 -2.71 20.28
N ASN B 218 12.68 -1.53 20.48
CA ASN B 218 14.10 -1.31 20.23
C ASN B 218 14.92 -1.21 21.53
N LEU B 219 14.35 -1.65 22.66
CA LEU B 219 15.08 -1.70 23.91
C LEU B 219 15.63 -3.10 24.17
N ASN B 220 16.78 -3.14 24.84
CA ASN B 220 17.37 -4.37 25.32
C ASN B 220 16.60 -4.90 26.53
N GLU B 221 16.78 -6.19 26.82
CA GLU B 221 16.14 -6.77 27.99
C GLU B 221 16.63 -6.11 29.27
N GLU B 222 17.87 -5.63 29.29
CA GLU B 222 18.49 -5.13 30.50
C GLU B 222 18.14 -3.68 30.78
N GLN B 223 17.96 -2.86 29.73
CA GLN B 223 17.45 -1.53 29.93
C GLN B 223 15.95 -1.54 30.18
N ARG B 224 15.24 -2.53 29.63
CA ARG B 224 13.86 -2.74 30.02
C ARG B 224 13.77 -3.05 31.52
N ASN B 225 14.66 -3.92 31.99
CA ASN B 225 14.68 -4.23 33.42
C ASN B 225 15.06 -3.00 34.25
N ALA B 226 16.00 -2.20 33.76
CA ALA B 226 16.38 -0.97 34.48
C ALA B 226 15.20 -0.03 34.63
N PHE B 227 14.49 0.24 33.54
CA PHE B 227 13.35 1.16 33.61
C PHE B 227 12.24 0.60 34.49
N ILE B 228 11.96 -0.70 34.39
CA ILE B 228 10.86 -1.25 35.18
C ILE B 228 11.23 -1.28 36.65
N GLN B 229 12.51 -1.45 36.96
CA GLN B 229 12.94 -1.47 38.35
C GLN B 229 12.92 -0.06 38.94
N SER B 230 13.33 0.94 38.16
CA SER B 230 13.18 2.31 38.64
C SER B 230 11.72 2.69 38.77
N LEU B 231 10.86 2.06 37.95
CA LEU B 231 9.44 2.33 38.00
C LEU B 231 8.84 1.84 39.30
N LYS B 232 9.25 0.65 39.76
CA LYS B 232 8.82 0.19 41.07
C LYS B 232 9.48 0.99 42.20
N ASP B 233 10.76 1.33 42.03
CA ASP B 233 11.54 1.93 43.12
C ASP B 233 11.21 3.40 43.35
N ASP B 234 10.62 4.10 42.39
CA ASP B 234 10.21 5.49 42.57
C ASP B 234 9.03 5.76 41.66
N PRO B 235 7.83 5.36 42.05
CA PRO B 235 6.66 5.53 41.17
C PRO B 235 6.37 6.97 40.78
N SER B 236 6.66 7.94 41.66
CA SER B 236 6.25 9.33 41.40
C SER B 236 6.79 9.83 40.07
N GLN B 237 8.02 9.46 39.72
CA GLN B 237 8.63 9.92 38.48
C GLN B 237 8.50 8.91 37.35
N SER B 238 7.37 8.21 37.30
CA SER B 238 7.09 7.33 36.17
C SER B 238 7.06 8.09 34.84
N ALA B 239 6.64 9.36 34.87
CA ALA B 239 6.64 10.17 33.65
C ALA B 239 8.04 10.35 33.10
N ASN B 240 8.97 10.84 33.93
CA ASN B 240 10.34 11.05 33.47
C ASN B 240 10.98 9.76 32.98
N LEU B 241 10.70 8.63 33.65
CA LEU B 241 11.26 7.35 33.20
C LEU B 241 10.65 6.91 31.89
N LEU B 242 9.33 7.07 31.73
CA LEU B 242 8.71 6.67 30.49
C LEU B 242 9.24 7.50 29.32
N ALA B 243 9.42 8.80 29.54
CA ALA B 243 10.05 9.65 28.53
C ALA B 243 11.45 9.16 28.20
N GLU B 244 12.28 8.95 29.24
CA GLU B 244 13.62 8.39 29.05
C GLU B 244 13.59 7.14 28.17
N ALA B 245 12.69 6.20 28.49
CA ALA B 245 12.60 4.96 27.75
C ALA B 245 12.22 5.20 26.29
N LYS B 246 11.22 6.06 26.05
CA LYS B 246 10.81 6.34 24.68
C LYS B 246 11.92 6.98 23.86
N SER B 247 12.64 7.94 24.47
CA SER B 247 13.76 8.58 23.79
C SER B 247 14.86 7.56 23.46
N LEU B 248 15.24 6.74 24.44
CA LEU B 248 16.29 5.75 24.16
C LEU B 248 15.83 4.77 23.09
N ASN B 249 14.55 4.42 23.10
CA ASN B 249 14.00 3.49 22.12
C ASN B 249 14.09 4.05 20.72
N VAL B 250 13.73 5.34 20.55
CA VAL B 250 13.81 5.91 19.21
C VAL B 250 15.26 6.13 18.80
N ASN B 251 16.13 6.42 19.77
CA ASN B 251 17.55 6.57 19.46
C ASN B 251 18.10 5.29 18.85
N GLN B 252 17.84 4.14 19.50
CA GLN B 252 18.36 2.90 18.97
C GLN B 252 17.62 2.44 17.71
N ALA B 253 16.37 2.88 17.52
CA ALA B 253 15.74 2.70 16.22
C ALA B 253 16.50 3.46 15.14
N VAL B 254 16.93 4.69 15.47
CA VAL B 254 17.72 5.49 14.54
C VAL B 254 18.99 4.77 14.15
N LYS B 255 19.78 4.33 15.15
CA LYS B 255 21.03 3.65 14.80
C LYS B 255 20.79 2.39 13.99
N GLN B 256 19.72 1.65 14.30
CA GLN B 256 19.43 0.45 13.53
C GLN B 256 19.13 0.79 12.08
N LEU B 257 18.31 1.83 11.86
CA LEU B 257 18.01 2.30 10.52
C LEU B 257 19.29 2.70 9.78
N ALA B 258 20.17 3.44 10.44
CA ALA B 258 21.44 3.84 9.83
C ALA B 258 22.24 2.62 9.38
N GLU B 259 22.39 1.62 10.26
CA GLU B 259 23.17 0.44 9.90
C GLU B 259 22.50 -0.32 8.74
N LYS B 260 21.17 -0.44 8.78
CA LYS B 260 20.45 -1.11 7.71
C LYS B 260 20.63 -0.37 6.39
N ALA B 261 20.80 0.95 6.45
CA ALA B 261 21.09 1.70 5.24
C ALA B 261 22.52 1.44 4.76
N LYS B 262 23.49 1.38 5.68
CA LYS B 262 24.87 1.15 5.28
C LYS B 262 25.04 -0.21 4.61
N GLU B 263 24.31 -1.22 5.07
CA GLU B 263 24.45 -2.53 4.46
C GLU B 263 23.37 -2.82 3.43
N ALA B 264 22.54 -1.83 3.11
CA ALA B 264 21.52 -2.02 2.08
C ALA B 264 22.18 -2.11 0.71
N THR B 265 21.65 -3.02 -0.12
CA THR B 265 22.21 -3.25 -1.44
C THR B 265 21.55 -2.42 -2.54
N ASP B 266 20.37 -1.87 -2.26
CA ASP B 266 19.56 -1.18 -3.27
C ASP B 266 19.53 0.31 -2.98
N LYS B 267 19.59 1.12 -4.05
CA LYS B 267 19.48 2.56 -3.88
C LYS B 267 18.14 2.96 -3.30
N GLU B 268 17.06 2.34 -3.80
CA GLU B 268 15.72 2.72 -3.37
C GLU B 268 15.51 2.44 -1.88
N GLU B 269 16.08 1.34 -1.39
CA GLU B 269 15.96 1.03 0.03
C GLU B 269 16.67 2.08 0.88
N VAL B 270 17.87 2.48 0.48
CA VAL B 270 18.58 3.54 1.19
C VAL B 270 17.78 4.84 1.15
N ILE B 271 17.13 5.13 0.01
CA ILE B 271 16.31 6.32 -0.09
C ILE B 271 15.18 6.27 0.93
N GLU B 272 14.49 5.13 1.01
CA GLU B 272 13.38 5.01 1.96
C GLU B 272 13.85 5.18 3.39
N ILE B 273 14.98 4.56 3.74
CA ILE B 273 15.51 4.69 5.10
C ILE B 273 15.86 6.14 5.41
N VAL B 274 16.52 6.83 4.47
CA VAL B 274 16.88 8.22 4.69
C VAL B 274 15.64 9.11 4.78
N LYS B 275 14.60 8.81 4.00
CA LYS B 275 13.36 9.57 4.13
C LYS B 275 12.76 9.37 5.51
N GLU B 276 12.89 8.15 6.05
CA GLU B 276 12.25 7.86 7.33
C GLU B 276 13.01 8.53 8.48
N LEU B 277 14.34 8.54 8.41
CA LEU B 277 15.10 9.32 9.38
C LEU B 277 14.73 10.79 9.29
N ALA B 278 14.71 11.34 8.06
CA ALA B 278 14.42 12.75 7.87
C ALA B 278 13.08 13.11 8.50
N GLU B 279 12.05 12.30 8.24
CA GLU B 279 10.72 12.60 8.77
C GLU B 279 10.58 12.23 10.23
N LEU B 280 11.55 11.52 10.81
CA LEU B 280 11.63 11.47 12.26
C LEU B 280 12.18 12.78 12.81
N ALA B 281 13.15 13.38 12.13
CA ALA B 281 13.72 14.63 12.62
C ALA B 281 12.73 15.79 12.46
N LYS B 282 11.95 15.78 11.38
CA LYS B 282 11.01 16.87 11.14
C LYS B 282 9.88 16.84 12.16
N GLN B 283 9.43 15.66 12.55
CA GLN B 283 8.34 15.55 13.49
C GLN B 283 8.80 15.57 14.94
N SER B 284 10.11 15.49 15.19
CA SER B 284 10.61 15.44 16.54
C SER B 284 10.91 16.83 17.09
N THR B 285 10.57 17.03 18.37
CA THR B 285 10.88 18.25 19.08
C THR B 285 11.98 18.01 20.11
N ASP B 286 12.75 16.95 19.94
CA ASP B 286 13.83 16.56 20.85
C ASP B 286 15.17 16.91 20.21
N SER B 287 15.92 17.78 20.89
CA SER B 287 17.16 18.29 20.31
C SER B 287 18.17 17.17 20.06
N GLU B 288 18.47 16.39 21.11
CA GLU B 288 19.54 15.40 21.01
C GLU B 288 19.20 14.26 20.05
N LEU B 289 17.93 13.93 19.89
CA LEU B 289 17.55 12.95 18.87
C LEU B 289 17.85 13.48 17.47
N VAL B 290 17.48 14.75 17.21
CA VAL B 290 17.76 15.32 15.89
C VAL B 290 19.26 15.37 15.65
N ASN B 291 20.02 15.80 16.65
CA ASN B 291 21.48 15.77 16.55
C ASN B 291 21.96 14.37 16.16
N GLU B 292 21.44 13.33 16.84
CA GLU B 292 21.86 11.98 16.54
C GLU B 292 21.48 11.57 15.13
N ILE B 293 20.30 11.99 14.65
CA ILE B 293 19.92 11.69 13.26
C ILE B 293 20.89 12.36 12.29
N VAL B 294 21.29 13.60 12.57
CA VAL B 294 22.22 14.30 11.70
C VAL B 294 23.55 13.55 11.64
N LYS B 295 24.06 13.11 12.79
CA LYS B 295 25.36 12.45 12.77
C LYS B 295 25.29 11.05 12.16
N GLN B 296 24.15 10.35 12.31
CA GLN B 296 23.99 9.07 11.63
C GLN B 296 23.89 9.25 10.12
N LEU B 297 23.10 10.22 9.67
CA LEU B 297 23.05 10.54 8.26
C LEU B 297 24.44 10.87 7.73
N ALA B 298 25.17 11.73 8.45
CA ALA B 298 26.53 12.09 8.05
C ALA B 298 27.41 10.85 7.89
N GLU B 299 27.27 9.88 8.81
CA GLU B 299 28.10 8.68 8.70
C GLU B 299 27.68 7.82 7.51
N VAL B 300 26.39 7.71 7.25
CA VAL B 300 25.94 6.98 6.07
C VAL B 300 26.49 7.61 4.79
N ALA B 301 26.44 8.95 4.72
CA ALA B 301 26.96 9.63 3.53
C ALA B 301 28.47 9.47 3.39
N LYS B 302 29.20 9.53 4.51
CA LYS B 302 30.65 9.37 4.43
C LYS B 302 31.03 7.99 3.92
N GLU B 303 30.26 6.96 4.28
CA GLU B 303 30.54 5.61 3.85
C GLU B 303 29.83 5.22 2.56
N ALA B 304 28.93 6.07 2.07
CA ALA B 304 28.21 5.75 0.85
C ALA B 304 29.18 5.66 -0.32
N THR B 305 28.93 4.67 -1.17
CA THR B 305 29.75 4.45 -2.36
C THR B 305 29.10 4.99 -3.62
N ASP B 306 27.80 5.29 -3.56
CA ASP B 306 27.04 5.83 -4.68
C ASP B 306 26.87 7.33 -4.51
N LYS B 307 27.23 8.08 -5.56
CA LYS B 307 27.21 9.53 -5.51
C LYS B 307 25.79 10.06 -5.30
N GLU B 308 24.80 9.41 -5.93
CA GLU B 308 23.42 9.86 -5.82
C GLU B 308 22.94 9.85 -4.37
N LEU B 309 23.35 8.83 -3.60
CA LEU B 309 22.92 8.74 -2.22
C LEU B 309 23.58 9.81 -1.36
N VAL B 310 24.85 10.11 -1.63
CA VAL B 310 25.53 11.19 -0.92
C VAL B 310 24.81 12.51 -1.20
N ILE B 311 24.47 12.76 -2.47
CA ILE B 311 23.76 13.98 -2.85
C ILE B 311 22.42 14.05 -2.15
N TYR B 312 21.70 12.92 -2.11
CA TYR B 312 20.39 12.88 -1.48
C TYR B 312 20.49 13.22 0.01
N ILE B 313 21.42 12.58 0.71
CA ILE B 313 21.57 12.84 2.14
C ILE B 313 21.96 14.29 2.40
N VAL B 314 22.94 14.80 1.64
CA VAL B 314 23.33 16.21 1.76
C VAL B 314 22.12 17.13 1.57
N LYS B 315 21.24 16.78 0.62
CA LYS B 315 20.01 17.53 0.45
C LYS B 315 19.13 17.48 1.70
N ILE B 316 18.99 16.29 2.28
CA ILE B 316 18.14 16.12 3.47
C ILE B 316 18.69 16.94 4.63
N LEU B 317 19.99 16.84 4.87
CA LEU B 317 20.62 17.61 5.94
C LEU B 317 20.46 19.11 5.70
N ALA B 318 20.59 19.53 4.44
CA ALA B 318 20.32 20.93 4.10
C ALA B 318 18.90 21.33 4.49
N GLU B 319 17.92 20.48 4.16
CA GLU B 319 16.54 20.78 4.52
C GLU B 319 16.36 20.84 6.04
N LEU B 320 17.13 20.07 6.79
CA LEU B 320 17.03 20.18 8.26
C LEU B 320 17.65 21.48 8.74
N ALA B 321 18.77 21.90 8.13
CA ALA B 321 19.40 23.15 8.53
C ALA B 321 18.50 24.34 8.20
N LYS B 322 17.76 24.28 7.10
CA LYS B 322 16.91 25.41 6.72
C LYS B 322 15.69 25.51 7.63
N GLN B 323 15.21 24.38 8.16
CA GLN B 323 14.02 24.40 8.99
C GLN B 323 14.31 24.53 10.47
N SER B 324 15.54 24.24 10.89
CA SER B 324 15.83 24.21 12.32
C SER B 324 16.13 25.61 12.83
N THR B 325 15.59 25.91 14.01
CA THR B 325 15.82 27.18 14.67
C THR B 325 16.80 27.05 15.83
N ASP B 326 17.52 25.93 15.90
CA ASP B 326 18.50 25.67 16.93
C ASP B 326 19.88 25.94 16.35
N SER B 327 20.56 26.95 16.90
CA SER B 327 21.83 27.39 16.31
C SER B 327 22.87 26.28 16.40
N GLU B 328 23.01 25.64 17.56
CA GLU B 328 24.00 24.59 17.74
C GLU B 328 23.77 23.43 16.78
N LEU B 329 22.51 23.08 16.54
CA LEU B 329 22.22 22.03 15.57
C LEU B 329 22.62 22.45 14.16
N VAL B 330 22.38 23.71 13.79
CA VAL B 330 22.71 24.16 12.45
C VAL B 330 24.22 24.18 12.26
N ASN B 331 24.96 24.63 13.28
CA ASN B 331 26.41 24.59 13.17
C ASN B 331 26.92 23.16 13.15
N GLU B 332 26.20 22.23 13.78
CA GLU B 332 26.61 20.84 13.67
C GLU B 332 26.38 20.28 12.28
N ILE B 333 25.25 20.63 11.65
CA ILE B 333 25.01 20.17 10.29
C ILE B 333 26.07 20.77 9.35
N VAL B 334 26.44 22.03 9.58
CA VAL B 334 27.47 22.67 8.79
C VAL B 334 28.80 21.93 8.94
N LYS B 335 29.18 21.63 10.19
CA LYS B 335 30.44 20.92 10.42
C LYS B 335 30.42 19.54 9.78
N GLN B 336 29.28 18.86 9.84
CA GLN B 336 29.17 17.53 9.23
C GLN B 336 29.32 17.60 7.71
N LEU B 337 28.55 18.48 7.07
CA LEU B 337 28.67 18.67 5.62
C LEU B 337 30.10 19.02 5.23
N ALA B 338 30.74 19.90 5.99
CA ALA B 338 32.12 20.27 5.68
C ALA B 338 33.04 19.06 5.79
N GLU B 339 32.80 18.18 6.77
CA GLU B 339 33.63 16.99 6.91
C GLU B 339 33.40 16.03 5.76
N VAL B 340 32.15 15.83 5.36
CA VAL B 340 31.86 15.02 4.18
C VAL B 340 32.63 15.56 2.97
N ALA B 341 32.62 16.89 2.80
CA ALA B 341 33.33 17.48 1.65
C ALA B 341 34.83 17.27 1.77
N LYS B 342 35.41 17.43 2.97
CA LYS B 342 36.84 17.23 3.14
C LYS B 342 37.26 15.79 2.92
N GLU B 343 36.36 14.84 3.17
CA GLU B 343 36.68 13.44 3.01
C GLU B 343 36.26 12.88 1.66
N ALA B 344 35.45 13.60 0.90
CA ALA B 344 35.02 13.12 -0.41
C ALA B 344 36.18 13.08 -1.37
N THR B 345 36.18 12.07 -2.24
CA THR B 345 37.20 11.93 -3.27
C THR B 345 36.66 12.32 -4.65
N ASP B 346 35.49 12.93 -4.70
CA ASP B 346 34.82 13.28 -5.95
C ASP B 346 34.60 14.78 -5.98
N LYS B 347 35.21 15.46 -6.95
CA LYS B 347 35.03 16.90 -7.11
C LYS B 347 33.56 17.28 -7.18
N GLU B 348 32.75 16.48 -7.89
CA GLU B 348 31.32 16.74 -8.02
C GLU B 348 30.65 16.87 -6.65
N LEU B 349 31.01 15.99 -5.72
CA LEU B 349 30.37 15.99 -4.40
C LEU B 349 30.84 17.18 -3.57
N VAL B 350 32.15 17.45 -3.60
CA VAL B 350 32.70 18.59 -2.87
C VAL B 350 32.02 19.88 -3.35
N ILE B 351 31.95 20.07 -4.66
CA ILE B 351 31.33 21.26 -5.22
C ILE B 351 29.89 21.35 -4.79
N TYR B 352 29.13 20.25 -4.94
CA TYR B 352 27.71 20.27 -4.60
C TYR B 352 27.52 20.71 -3.15
N ILE B 353 28.29 20.13 -2.23
CA ILE B 353 28.17 20.46 -0.82
C ILE B 353 28.54 21.93 -0.57
N VAL B 354 29.59 22.41 -1.25
CA VAL B 354 30.01 23.80 -1.06
C VAL B 354 28.91 24.75 -1.51
N LYS B 355 28.22 24.41 -2.61
CA LYS B 355 27.13 25.27 -3.05
C LYS B 355 25.95 25.18 -2.08
N ILE B 356 25.73 24.03 -1.46
CA ILE B 356 24.65 23.93 -0.47
C ILE B 356 24.96 24.81 0.74
N LEU B 357 26.18 24.74 1.25
CA LEU B 357 26.58 25.63 2.34
C LEU B 357 26.49 27.09 1.92
N ALA B 358 26.75 27.38 0.64
CA ALA B 358 26.56 28.74 0.15
C ALA B 358 25.09 29.15 0.22
N GLU B 359 24.17 28.26 -0.19
CA GLU B 359 22.75 28.54 -0.04
C GLU B 359 22.38 28.85 1.40
N LEU B 360 22.93 28.06 2.34
CA LEU B 360 22.65 28.31 3.74
C LEU B 360 23.14 29.68 4.17
N ALA B 361 24.34 30.06 3.73
CA ALA B 361 24.87 31.37 4.09
C ALA B 361 23.99 32.50 3.54
N LYS B 362 23.55 32.37 2.28
CA LYS B 362 22.74 33.41 1.66
C LYS B 362 21.37 33.53 2.33
N GLN B 363 20.77 32.40 2.73
CA GLN B 363 19.45 32.44 3.37
C GLN B 363 19.50 33.13 4.73
N SER B 364 20.65 33.11 5.39
CA SER B 364 20.70 33.37 6.82
C SER B 364 20.71 34.86 7.14
N THR B 365 20.07 35.20 8.26
CA THR B 365 20.20 36.51 8.87
C THR B 365 21.37 36.56 9.84
N ASP B 366 21.67 35.44 10.48
CA ASP B 366 22.71 35.38 11.50
C ASP B 366 24.09 35.52 10.88
N SER B 367 24.81 36.57 11.25
CA SER B 367 26.15 36.78 10.72
C SER B 367 27.13 35.74 11.25
N GLU B 368 26.89 35.23 12.46
CA GLU B 368 27.77 34.22 13.03
C GLU B 368 27.66 32.89 12.29
N LEU B 369 26.47 32.56 11.79
CA LEU B 369 26.34 31.38 10.95
C LEU B 369 27.06 31.60 9.62
N VAL B 370 26.91 32.80 9.04
CA VAL B 370 27.59 33.09 7.79
C VAL B 370 29.09 32.92 7.94
N ASN B 371 29.66 33.45 9.04
CA ASN B 371 31.10 33.37 9.21
C ASN B 371 31.56 31.98 9.62
N GLU B 372 30.72 31.21 10.30
CA GLU B 372 31.04 29.81 10.52
C GLU B 372 31.12 29.07 9.19
N ILE B 373 30.18 29.33 8.29
CA ILE B 373 30.23 28.73 6.96
C ILE B 373 31.50 29.16 6.22
N VAL B 374 31.81 30.47 6.21
CA VAL B 374 32.99 30.91 5.48
C VAL B 374 34.25 30.25 6.03
N LYS B 375 34.36 30.10 7.35
CA LYS B 375 35.56 29.48 7.87
C LYS B 375 35.60 27.99 7.59
N GLN B 376 34.45 27.32 7.57
CA GLN B 376 34.41 25.92 7.16
C GLN B 376 34.88 25.77 5.72
N LEU B 377 34.38 26.61 4.82
CA LEU B 377 34.79 26.54 3.42
C LEU B 377 36.26 26.91 3.24
N GLU B 378 36.78 27.82 4.07
CA GLU B 378 38.19 28.14 4.01
C GLU B 378 39.05 26.98 4.50
N GLU B 379 38.54 26.18 5.45
CA GLU B 379 39.29 25.00 5.89
C GLU B 379 39.18 23.87 4.88
N VAL B 380 38.07 23.79 4.15
CA VAL B 380 37.98 22.85 3.04
C VAL B 380 38.98 23.22 1.96
N ALA B 381 39.04 24.51 1.60
CA ALA B 381 39.98 24.97 0.58
C ALA B 381 41.42 24.84 1.02
N LYS B 382 41.70 25.02 2.33
CA LYS B 382 43.07 24.94 2.81
C LYS B 382 43.63 23.52 2.65
N GLU B 383 42.79 22.51 2.85
CA GLU B 383 43.22 21.12 2.82
C GLU B 383 42.93 20.42 1.50
N ALA B 384 42.37 21.12 0.52
CA ALA B 384 42.07 20.52 -0.77
C ALA B 384 43.31 20.54 -1.65
N THR B 385 43.56 19.44 -2.34
CA THR B 385 44.75 19.27 -3.18
C THR B 385 44.44 19.46 -4.66
N ASP B 386 43.30 20.05 -4.99
CA ASP B 386 42.88 20.29 -6.36
C ASP B 386 42.77 21.78 -6.58
N LYS B 387 43.55 22.32 -7.52
CA LYS B 387 43.63 23.78 -7.65
C LYS B 387 42.35 24.38 -8.25
N GLU B 388 41.70 23.67 -9.17
CA GLU B 388 40.43 24.16 -9.72
C GLU B 388 39.35 24.21 -8.64
N LEU B 389 39.32 23.21 -7.76
CA LEU B 389 38.34 23.17 -6.69
C LEU B 389 38.57 24.31 -5.70
N VAL B 390 39.85 24.57 -5.37
CA VAL B 390 40.19 25.68 -4.49
C VAL B 390 39.81 27.01 -5.14
N GLU B 391 39.96 27.10 -6.46
CA GLU B 391 39.53 28.30 -7.17
C GLU B 391 38.02 28.50 -7.07
N HIS B 392 37.26 27.43 -7.28
CA HIS B 392 35.81 27.54 -7.19
C HIS B 392 35.37 27.94 -5.78
N ILE B 393 35.94 27.29 -4.76
CA ILE B 393 35.62 27.63 -3.38
C ILE B 393 35.96 29.09 -3.09
N GLU B 394 37.11 29.56 -3.59
CA GLU B 394 37.49 30.95 -3.33
C GLU B 394 36.54 31.93 -4.02
N LYS B 395 36.08 31.59 -5.24
CA LYS B 395 35.08 32.43 -5.90
C LYS B 395 33.79 32.47 -5.09
N ILE B 396 33.33 31.31 -4.61
CA ILE B 396 32.13 31.27 -3.80
C ILE B 396 32.31 32.09 -2.52
N LEU B 397 33.48 32.00 -1.89
CA LEU B 397 33.75 32.78 -0.68
C LEU B 397 33.70 34.27 -0.96
N GLU B 398 34.32 34.70 -2.06
CA GLU B 398 34.28 36.12 -2.41
C GLU B 398 32.86 36.58 -2.69
N GLU B 399 32.03 35.69 -3.26
CA GLU B 399 30.65 36.03 -3.50
C GLU B 399 29.86 36.16 -2.18
N LEU B 400 30.14 35.27 -1.21
CA LEU B 400 29.48 35.38 0.08
C LEU B 400 29.89 36.65 0.83
N LYS B 401 31.16 37.04 0.73
CA LYS B 401 31.59 38.25 1.41
C LYS B 401 31.06 39.51 0.72
N LYS B 402 31.01 39.51 -0.61
CA LYS B 402 30.50 40.67 -1.33
C LYS B 402 29.00 40.84 -1.12
N GLN B 403 28.24 39.74 -1.08
CA GLN B 403 26.79 39.84 -0.88
C GLN B 403 26.47 40.38 0.51
N SER B 404 27.12 39.84 1.55
CA SER B 404 26.95 40.32 2.91
C SER B 404 28.14 39.93 3.77
#